data_6F3L
#
_entry.id   6F3L
#
_cell.length_a   128.646
_cell.length_b   128.646
_cell.length_c   116.276
_cell.angle_alpha   90.00
_cell.angle_beta   90.00
_cell.angle_gamma   90.00
#
_symmetry.space_group_name_H-M   'P 43 21 2'
#
loop_
_entity.id
_entity.type
_entity.pdbx_description
1 polymer 'Glycogen phosphorylase, muscle form'
2 non-polymer "PYRIDOXAL-5'-PHOSPHATE"
3 non-polymer '6-[5-[(2~{S},3~{R},4~{R},5~{S},6~{R})-6-(hydroxymethyl)-3,4,5-tris(oxidanyl)oxan-2-yl]-1~{H}-1,2,4-triazol-3-yl]naphthalene-2-carboxylic acid'
4 water water
#
_entity_poly.entity_id   1
_entity_poly.type   'polypeptide(L)'
_entity_poly.pdbx_seq_one_letter_code
;MSRPLSDQEKRKQISVRGLAGVENVTELKKNFNRHLHFTLVKDRNVATPRDYYFALAHTVRDHLVGRWIRTQQHYYEKDP
KRIYYLSLEFYMGRTLQNTMVNLALENACDEATYQLGLDMEELEEIEEDAGLGNGGLGRLAACFLDSMATLGLAAYGYGI
RYEFGIFNQKICGGWQMEEADDWLRYGNPWEKARPEFTLPVHFYGRVEHTSQGAKWVDTQVVLAMPYDTPVPGYRNNVVN
TMRLWSAKAPNDFNLKDFNVGGYIQAVLDRNLAENISRVLYPNDNFFEGKELRLKQEYFVVAATLQDIIRRFKSSKFGCR
DPVRTNFDAFPDKVAIQLNDTHPSLAIPELMRVLVDLERLDWDKAWEVTVKTCAYTNHTVLPEALERWPVHLLETLLPRH
LQIIYEINQRFLNRVAAAFPGDVDRLRRMSLVEEGAVKRINMAHLCIAGSHAVNGVARIHSEILKKTIFKDFYELEPHKF
QNKTNGITPRRWLVLCNPGLAEIIAERIGEEYISDLDQLRKLLSYVDDEAFIRDVAKVKQENKLKFAAYLEREYKVHINP
NSLFDVQVKRIHEYKRQLLNCLHVITLYNRIKKEPNKFVVPRTVMIGGKAAPGYHMAKMIIKLITAIGDVVNHDPVVGDR
LRVIFLENYRVSLAEKVIPAADLSEQISTAGTEASGTGNMKFMLNGALTIGTMDGANVEMAEEAGEENFFIFGMRVEDVD
RLDQRGYNAQEYYDRIPELRQIIEQLSSGFFSPKQPDLFKDIVNMLMHHDRFKVFADYEEYVKCQERVSALYKNPREWTR
MVIRNIATSGKFSSDRTIAQYAREIWGVEPSRQRLPAPDEKIP
;
_entity_poly.pdbx_strand_id   A
#
loop_
_chem_comp.id
_chem_comp.type
_chem_comp.name
_chem_comp.formula
CJW non-polymer '6-[5-[(2~{S},3~{R},4~{R},5~{S},6~{R})-6-(hydroxymethyl)-3,4,5-tris(oxidanyl)oxan-2-yl]-1~{H}-1,2,4-triazol-3-yl]naphthalene-2-carboxylic acid' 'C19 H19 N3 O7'
PLP non-polymer PYRIDOXAL-5'-PHOSPHATE 'C8 H10 N O6 P'
#
# COMPACT_ATOMS: atom_id res chain seq x y z
N GLN A 13 -8.13 11.96 -28.81
CA GLN A 13 -7.65 13.34 -28.42
C GLN A 13 -6.12 13.38 -28.22
N ILE A 14 -5.60 12.63 -27.23
CA ILE A 14 -4.15 12.54 -26.93
C ILE A 14 -3.60 11.14 -27.26
N SER A 15 -2.38 11.10 -27.81
CA SER A 15 -1.81 9.88 -28.45
C SER A 15 -1.64 8.66 -27.54
N VAL A 16 -1.13 8.87 -26.32
CA VAL A 16 -0.93 7.77 -25.35
C VAL A 16 -2.24 7.05 -24.95
N ARG A 17 -3.40 7.64 -25.24
CA ARG A 17 -4.70 6.99 -24.98
C ARG A 17 -5.18 6.02 -26.07
N GLY A 18 -4.41 5.89 -27.16
CA GLY A 18 -4.68 4.89 -28.20
C GLY A 18 -5.52 5.40 -29.36
N LEU A 19 -5.84 4.49 -30.28
CA LEU A 19 -6.60 4.80 -31.50
C LEU A 19 -8.11 4.72 -31.27
N ALA A 20 -8.85 5.60 -31.94
CA ALA A 20 -10.30 5.55 -31.94
C ALA A 20 -10.75 5.28 -33.37
N GLY A 21 -10.54 4.04 -33.83
CA GLY A 21 -10.94 3.65 -35.18
C GLY A 21 -12.45 3.48 -35.33
N VAL A 22 -12.96 3.79 -36.52
CA VAL A 22 -14.41 3.80 -36.77
C VAL A 22 -15.11 2.47 -36.42
N GLU A 23 -14.44 1.36 -36.72
CA GLU A 23 -15.00 0.02 -36.50
C GLU A 23 -15.05 -0.34 -35.01
N ASN A 24 -13.97 -0.06 -34.31
CA ASN A 24 -13.93 -0.20 -32.85
C ASN A 24 -14.99 0.65 -32.16
N VAL A 25 -15.11 1.92 -32.54
CA VAL A 25 -16.10 2.81 -31.92
C VAL A 25 -17.54 2.31 -32.15
N THR A 26 -17.82 1.89 -33.39
CA THR A 26 -19.15 1.35 -33.73
C THR A 26 -19.49 0.10 -32.88
N GLU A 27 -18.51 -0.78 -32.73
CA GLU A 27 -18.68 -2.02 -31.97
C GLU A 27 -18.91 -1.77 -30.46
N LEU A 28 -18.14 -0.85 -29.90
CA LEU A 28 -18.30 -0.46 -28.50
C LEU A 28 -19.69 0.16 -28.24
N LYS A 29 -20.16 0.99 -29.17
CA LYS A 29 -21.48 1.60 -29.04
C LYS A 29 -22.58 0.53 -29.03
N LYS A 30 -22.48 -0.43 -29.94
CA LYS A 30 -23.48 -1.47 -30.02
C LYS A 30 -23.45 -2.41 -28.79
N ASN A 31 -22.28 -2.74 -28.27
CA ASN A 31 -22.20 -3.53 -27.05
C ASN A 31 -22.67 -2.75 -25.83
N PHE A 32 -22.39 -1.45 -25.79
CA PHE A 32 -22.88 -0.59 -24.69
C PHE A 32 -24.41 -0.67 -24.64
N ASN A 33 -25.06 -0.49 -25.79
CA ASN A 33 -26.51 -0.54 -25.84
C ASN A 33 -27.06 -1.93 -25.51
N ARG A 34 -26.33 -2.97 -25.93
CA ARG A 34 -26.72 -4.34 -25.63
C ARG A 34 -26.71 -4.57 -24.12
N HIS A 35 -25.63 -4.20 -23.44
CA HIS A 35 -25.57 -4.33 -21.97
C HIS A 35 -26.63 -3.47 -21.25
N LEU A 36 -26.92 -2.27 -21.75
CA LEU A 36 -27.92 -1.42 -21.11
C LEU A 36 -29.30 -2.10 -21.09
N HIS A 37 -29.64 -2.72 -22.21
CA HIS A 37 -30.90 -3.39 -22.44
C HIS A 37 -30.94 -4.75 -21.74
N PHE A 38 -30.02 -5.65 -22.08
CA PHE A 38 -30.07 -7.04 -21.60
C PHE A 38 -29.47 -7.28 -20.23
N THR A 39 -28.37 -6.61 -19.91
CA THR A 39 -27.69 -6.84 -18.66
C THR A 39 -28.34 -6.02 -17.55
N LEU A 40 -28.55 -4.74 -17.80
CA LEU A 40 -29.12 -3.86 -16.79
C LEU A 40 -30.65 -3.76 -16.81
N VAL A 41 -31.31 -4.17 -17.90
CA VAL A 41 -32.76 -4.12 -18.03
C VAL A 41 -33.28 -2.70 -17.85
N LYS A 42 -32.71 -1.77 -18.63
CA LYS A 42 -33.13 -0.38 -18.68
C LYS A 42 -33.23 0.08 -20.14
N ASP A 43 -33.99 1.16 -20.39
CA ASP A 43 -33.84 1.91 -21.65
C ASP A 43 -33.33 3.30 -21.32
N ARG A 44 -33.02 4.08 -22.35
CA ARG A 44 -32.47 5.44 -22.18
C ARG A 44 -33.42 6.39 -21.41
N ASN A 45 -34.71 6.10 -21.36
CA ASN A 45 -35.68 6.98 -20.67
C ASN A 45 -35.59 6.89 -19.13
N VAL A 46 -35.28 5.71 -18.61
CA VAL A 46 -35.23 5.49 -17.15
C VAL A 46 -33.81 5.25 -16.62
N ALA A 47 -32.80 5.26 -17.48
CA ALA A 47 -31.44 4.94 -17.07
C ALA A 47 -30.83 6.07 -16.25
N THR A 48 -30.18 5.71 -15.15
CA THR A 48 -29.45 6.66 -14.30
C THR A 48 -27.98 6.70 -14.72
N PRO A 49 -27.22 7.72 -14.28
CA PRO A 49 -25.77 7.71 -14.57
C PRO A 49 -25.05 6.45 -14.09
N ARG A 50 -25.48 5.89 -12.98
CA ARG A 50 -24.90 4.65 -12.46
C ARG A 50 -25.14 3.50 -13.43
N ASP A 51 -26.32 3.44 -14.04
CA ASP A 51 -26.60 2.44 -15.09
C ASP A 51 -25.64 2.59 -16.26
N TYR A 52 -25.36 3.82 -16.67
CA TYR A 52 -24.42 4.05 -17.77
C TYR A 52 -23.01 3.62 -17.42
N TYR A 53 -22.56 3.91 -16.18
CA TYR A 53 -21.31 3.38 -15.71
C TYR A 53 -21.27 1.83 -15.84
N PHE A 54 -22.28 1.13 -15.34
CA PHE A 54 -22.28 -0.34 -15.41
C PHE A 54 -22.30 -0.87 -16.85
N ALA A 55 -23.02 -0.21 -17.73
CA ALA A 55 -23.09 -0.61 -19.14
C ALA A 55 -21.69 -0.49 -19.78
N LEU A 56 -20.96 0.58 -19.42
CA LEU A 56 -19.58 0.74 -19.91
C LEU A 56 -18.64 -0.30 -19.30
N ALA A 57 -18.74 -0.54 -17.99
CA ALA A 57 -17.88 -1.53 -17.33
C ALA A 57 -18.07 -2.94 -17.91
N HIS A 58 -19.32 -3.34 -18.13
CA HIS A 58 -19.57 -4.65 -18.76
C HIS A 58 -19.00 -4.72 -20.18
N THR A 59 -19.09 -3.60 -20.91
CA THR A 59 -18.57 -3.53 -22.29
C THR A 59 -17.05 -3.71 -22.30
N VAL A 60 -16.37 -3.03 -21.40
CA VAL A 60 -14.91 -3.16 -21.30
C VAL A 60 -14.52 -4.56 -20.76
N ARG A 61 -15.27 -5.06 -19.79
CA ARG A 61 -15.01 -6.38 -19.25
C ARG A 61 -15.03 -7.45 -20.33
N ASP A 62 -15.97 -7.35 -21.27
CA ASP A 62 -16.04 -8.30 -22.39
C ASP A 62 -14.71 -8.42 -23.15
N HIS A 63 -13.98 -7.32 -23.30
CA HIS A 63 -12.64 -7.33 -23.96
C HIS A 63 -11.54 -8.02 -23.15
N LEU A 64 -11.73 -8.17 -21.86
CA LEU A 64 -10.80 -8.89 -21.00
C LEU A 64 -10.95 -10.39 -21.10
N VAL A 65 -12.16 -10.91 -21.35
CA VAL A 65 -12.44 -12.32 -20.99
C VAL A 65 -11.79 -13.32 -21.92
N GLY A 66 -11.73 -12.98 -23.20
CA GLY A 66 -11.05 -13.80 -24.19
C GLY A 66 -9.58 -13.93 -23.85
N ARG A 67 -8.98 -12.82 -23.46
CA ARG A 67 -7.57 -12.79 -23.07
C ARG A 67 -7.30 -13.57 -21.76
N TRP A 68 -8.23 -13.44 -20.81
CA TRP A 68 -8.15 -14.13 -19.52
C TRP A 68 -8.18 -15.64 -19.70
N ILE A 69 -9.15 -16.13 -20.46
CA ILE A 69 -9.27 -17.56 -20.77
C ILE A 69 -8.02 -18.08 -21.48
N ARG A 70 -7.54 -17.33 -22.46
CA ARG A 70 -6.39 -17.75 -23.26
C ARG A 70 -5.11 -17.75 -22.44
N THR A 71 -4.94 -16.74 -21.59
CA THR A 71 -3.78 -16.69 -20.70
C THR A 71 -3.73 -17.94 -19.77
N GLN A 72 -4.86 -18.27 -19.14
CA GLN A 72 -4.89 -19.39 -18.20
C GLN A 72 -4.71 -20.74 -18.92
N GLN A 73 -5.23 -20.86 -20.14
CA GLN A 73 -4.98 -22.03 -20.99
C GLN A 73 -3.48 -22.15 -21.33
N HIS A 74 -2.87 -21.05 -21.73
CA HIS A 74 -1.42 -20.97 -22.00
C HIS A 74 -0.59 -21.47 -20.81
N TYR A 75 -0.91 -21.04 -19.59
CA TYR A 75 -0.19 -21.55 -18.40
C TYR A 75 -0.44 -23.03 -18.17
N TYR A 76 -1.65 -23.50 -18.44
CA TYR A 76 -1.91 -24.92 -18.30
C TYR A 76 -1.05 -25.75 -19.28
N GLU A 77 -0.92 -25.28 -20.51
CA GLU A 77 -0.18 -26.00 -21.56
C GLU A 77 1.32 -25.96 -21.37
N LYS A 78 1.86 -24.76 -21.11
CA LYS A 78 3.31 -24.59 -20.92
C LYS A 78 3.82 -25.01 -19.53
N ASP A 79 2.95 -25.01 -18.53
CA ASP A 79 3.30 -25.37 -17.14
C ASP A 79 4.56 -24.65 -16.58
N PRO A 80 4.58 -23.30 -16.63
CA PRO A 80 5.71 -22.56 -16.07
C PRO A 80 5.69 -22.63 -14.54
N LYS A 81 6.77 -22.22 -13.90
CA LYS A 81 6.75 -22.04 -12.44
C LYS A 81 5.72 -20.95 -12.08
N ARG A 82 4.91 -21.22 -11.07
CA ARG A 82 3.83 -20.29 -10.71
C ARG A 82 4.24 -19.54 -9.44
N ILE A 83 3.90 -18.25 -9.41
CA ILE A 83 4.25 -17.35 -8.32
C ILE A 83 2.96 -17.01 -7.58
N TYR A 84 2.94 -17.25 -6.28
CA TYR A 84 1.78 -16.97 -5.46
C TYR A 84 2.11 -15.89 -4.45
N TYR A 85 1.44 -14.75 -4.59
CA TYR A 85 1.71 -13.60 -3.76
C TYR A 85 0.60 -13.54 -2.70
N LEU A 86 0.95 -13.87 -1.45
CA LEU A 86 -0.04 -14.00 -0.36
C LEU A 86 -0.06 -12.71 0.48
N SER A 87 -1.22 -12.07 0.58
CA SER A 87 -1.36 -10.82 1.30
C SER A 87 -2.72 -10.73 1.97
N LEU A 88 -2.78 -10.09 3.13
CA LEU A 88 -4.05 -9.81 3.76
C LEU A 88 -4.71 -8.56 3.16
N GLU A 89 -3.98 -7.84 2.33
CA GLU A 89 -4.43 -6.57 1.74
C GLU A 89 -4.07 -6.46 0.27
N PHE A 90 -5.04 -6.01 -0.53
CA PHE A 90 -4.85 -5.63 -1.94
C PHE A 90 -5.61 -4.34 -2.14
N TYR A 91 -4.91 -3.22 -2.18
CA TYR A 91 -5.55 -1.91 -2.23
C TYR A 91 -5.66 -1.49 -3.71
N MET A 92 -6.72 -1.97 -4.36
CA MET A 92 -6.83 -1.94 -5.82
C MET A 92 -7.30 -0.60 -6.38
N GLY A 93 -8.11 0.13 -5.63
CA GLY A 93 -8.78 1.32 -6.13
C GLY A 93 -9.80 0.97 -7.23
N ARG A 94 -10.04 1.89 -8.14
CA ARG A 94 -10.95 1.67 -9.28
C ARG A 94 -10.27 0.89 -10.40
N THR A 95 -11.08 0.16 -11.16
CA THR A 95 -10.64 -0.76 -12.22
C THR A 95 -10.93 -0.30 -13.65
N LEU A 96 -11.97 0.51 -13.86
CA LEU A 96 -12.43 0.82 -15.23
C LEU A 96 -11.35 1.48 -16.08
N GLN A 97 -10.81 2.59 -15.59
CA GLN A 97 -9.82 3.34 -16.37
C GLN A 97 -8.54 2.54 -16.56
N ASN A 98 -8.11 1.86 -15.51
CA ASN A 98 -6.90 1.04 -15.59
C ASN A 98 -7.01 -0.05 -16.64
N THR A 99 -8.19 -0.68 -16.71
CA THR A 99 -8.44 -1.71 -17.74
C THR A 99 -8.37 -1.10 -19.16
N MET A 100 -9.00 0.04 -19.37
CA MET A 100 -8.96 0.71 -20.65
C MET A 100 -7.52 1.06 -21.05
N VAL A 101 -6.74 1.60 -20.11
CA VAL A 101 -5.31 1.93 -20.35
C VAL A 101 -4.53 0.71 -20.81
N ASN A 102 -4.66 -0.39 -20.07
CA ASN A 102 -3.88 -1.62 -20.35
C ASN A 102 -4.32 -2.35 -21.62
N LEU A 103 -5.53 -2.11 -22.08
CA LEU A 103 -6.01 -2.70 -23.32
C LEU A 103 -5.99 -1.73 -24.50
N ALA A 104 -5.53 -0.51 -24.29
CA ALA A 104 -5.43 0.51 -25.35
C ALA A 104 -6.82 0.94 -25.89
N LEU A 105 -7.81 1.01 -24.99
CA LEU A 105 -9.20 1.30 -25.34
C LEU A 105 -9.68 2.68 -24.92
N GLU A 106 -8.83 3.47 -24.27
CA GLU A 106 -9.33 4.70 -23.62
C GLU A 106 -9.94 5.71 -24.63
N ASN A 107 -9.22 5.99 -25.72
CA ASN A 107 -9.72 6.96 -26.72
C ASN A 107 -10.96 6.43 -27.43
N ALA A 108 -10.98 5.14 -27.74
CA ALA A 108 -12.15 4.53 -28.39
C ALA A 108 -13.40 4.60 -27.50
N CYS A 109 -13.25 4.27 -26.21
CA CYS A 109 -14.37 4.37 -25.27
C CYS A 109 -14.83 5.82 -25.07
N ASP A 110 -13.89 6.77 -25.06
CA ASP A 110 -14.22 8.19 -24.94
C ASP A 110 -15.08 8.64 -26.10
N GLU A 111 -14.67 8.28 -27.31
CA GLU A 111 -15.41 8.64 -28.53
C GLU A 111 -16.78 7.97 -28.58
N ALA A 112 -16.81 6.66 -28.29
CA ALA A 112 -18.06 5.91 -28.27
C ALA A 112 -19.06 6.54 -27.31
N THR A 113 -18.63 6.79 -26.07
CA THR A 113 -19.53 7.39 -25.08
C THR A 113 -19.95 8.82 -25.47
N TYR A 114 -18.99 9.63 -25.94
CA TYR A 114 -19.28 10.98 -26.47
C TYR A 114 -20.39 10.96 -27.55
N GLN A 115 -20.31 10.02 -28.49
CA GLN A 115 -21.35 9.87 -29.53
C GLN A 115 -22.73 9.46 -28.99
N LEU A 116 -22.74 8.76 -27.86
CA LEU A 116 -23.97 8.41 -27.15
C LEU A 116 -24.50 9.53 -26.22
N GLY A 117 -23.83 10.68 -26.18
CA GLY A 117 -24.26 11.84 -25.38
C GLY A 117 -23.84 11.78 -23.93
N LEU A 118 -22.73 11.08 -23.64
CA LEU A 118 -22.29 10.83 -22.27
C LEU A 118 -20.85 11.26 -22.12
N ASP A 119 -20.51 11.66 -20.89
CA ASP A 119 -19.17 12.11 -20.54
C ASP A 119 -18.52 11.00 -19.72
N MET A 120 -17.51 10.36 -20.30
CA MET A 120 -16.86 9.21 -19.69
C MET A 120 -16.18 9.50 -18.36
N GLU A 121 -15.65 10.72 -18.20
CA GLU A 121 -15.03 11.10 -16.93
C GLU A 121 -16.03 11.14 -15.77
N GLU A 122 -17.25 11.59 -16.06
CA GLU A 122 -18.36 11.56 -15.10
C GLU A 122 -18.74 10.11 -14.71
N LEU A 123 -18.77 9.22 -15.69
CA LEU A 123 -19.07 7.80 -15.44
C LEU A 123 -17.96 7.13 -14.61
N GLU A 124 -16.70 7.46 -14.87
CA GLU A 124 -15.57 6.94 -14.06
C GLU A 124 -15.69 7.25 -12.56
N GLU A 125 -16.18 8.44 -12.25
CA GLU A 125 -16.37 8.88 -10.85
C GLU A 125 -17.43 8.13 -10.08
N ILE A 126 -18.29 7.39 -10.78
CA ILE A 126 -19.31 6.59 -10.08
C ILE A 126 -18.76 5.32 -9.44
N GLU A 127 -17.68 4.78 -9.98
CA GLU A 127 -17.13 3.50 -9.51
C GLU A 127 -16.59 3.63 -8.07
N GLU A 128 -16.87 2.62 -7.25
CA GLU A 128 -16.33 2.55 -5.88
C GLU A 128 -14.85 2.12 -5.93
N ASP A 129 -13.99 2.70 -5.10
CA ASP A 129 -12.66 2.07 -4.85
C ASP A 129 -12.85 0.69 -4.25
N ALA A 130 -12.07 -0.27 -4.74
CA ALA A 130 -11.89 -1.50 -4.01
C ALA A 130 -10.83 -1.19 -2.94
N GLY A 131 -11.31 -0.87 -1.74
CA GLY A 131 -10.46 -0.42 -0.64
C GLY A 131 -10.06 -1.52 0.31
N LEU A 132 -9.48 -2.59 -0.22
CA LEU A 132 -9.15 -3.75 0.59
C LEU A 132 -7.73 -3.68 1.15
N GLY A 133 -7.32 -2.48 1.56
CA GLY A 133 -6.06 -2.32 2.29
C GLY A 133 -6.06 -1.03 3.08
N ASN A 134 -4.99 -0.84 3.85
CA ASN A 134 -4.87 0.28 4.77
C ASN A 134 -4.05 1.44 4.19
N GLY A 135 -3.06 1.13 3.37
CA GLY A 135 -2.14 2.16 2.86
C GLY A 135 -1.09 1.54 1.99
N GLY A 136 0.16 1.75 2.35
CA GLY A 136 1.29 1.42 1.50
C GLY A 136 1.51 -0.06 1.20
N LEU A 137 1.34 -0.91 2.22
CA LEU A 137 1.52 -2.35 2.09
CA LEU A 137 1.54 -2.34 2.07
C LEU A 137 0.51 -2.93 1.10
N GLY A 138 -0.76 -2.57 1.30
CA GLY A 138 -1.83 -3.02 0.39
C GLY A 138 -1.70 -2.46 -1.02
N ARG A 139 -1.27 -1.21 -1.11
CA ARG A 139 -1.12 -0.61 -2.44
C ARG A 139 0.08 -1.22 -3.18
N LEU A 140 1.12 -1.59 -2.45
CA LEU A 140 2.29 -2.23 -3.05
C LEU A 140 1.89 -3.55 -3.69
N ALA A 141 1.03 -4.30 -3.00
CA ALA A 141 0.53 -5.55 -3.56
C ALA A 141 -0.21 -5.32 -4.87
N ALA A 142 -0.99 -4.24 -4.95
CA ALA A 142 -1.69 -3.91 -6.18
C ALA A 142 -0.74 -3.52 -7.32
N CYS A 143 0.23 -2.66 -7.06
CA CYS A 143 1.24 -2.32 -8.06
C CYS A 143 1.99 -3.57 -8.56
N PHE A 144 2.36 -4.43 -7.61
CA PHE A 144 3.07 -5.67 -7.93
C PHE A 144 2.26 -6.57 -8.86
N LEU A 145 0.96 -6.70 -8.64
CA LEU A 145 0.13 -7.51 -9.54
C LEU A 145 0.15 -6.97 -10.97
N ASP A 146 0.08 -5.64 -11.12
CA ASP A 146 0.14 -4.98 -12.39
C ASP A 146 1.49 -5.26 -13.12
N SER A 147 2.59 -5.14 -12.39
CA SER A 147 3.93 -5.41 -12.92
C SER A 147 4.14 -6.89 -13.27
N MET A 148 3.60 -7.81 -12.45
CA MET A 148 3.75 -9.24 -12.76
C MET A 148 3.05 -9.61 -14.07
N ALA A 149 1.89 -9.03 -14.32
CA ALA A 149 1.15 -9.27 -15.56
C ALA A 149 1.86 -8.63 -16.74
N THR A 150 2.38 -7.43 -16.55
CA THR A 150 3.10 -6.70 -17.61
C THR A 150 4.40 -7.40 -17.99
N LEU A 151 5.01 -8.10 -17.04
CA LEU A 151 6.21 -8.89 -17.29
C LEU A 151 5.98 -10.36 -17.61
N GLY A 152 4.74 -10.75 -17.85
CA GLY A 152 4.42 -12.08 -18.37
C GLY A 152 4.71 -13.21 -17.40
N LEU A 153 4.62 -12.95 -16.10
CA LEU A 153 4.83 -13.98 -15.09
C LEU A 153 3.52 -14.70 -14.80
N ALA A 154 3.59 -16.01 -14.57
CA ALA A 154 2.41 -16.80 -14.21
C ALA A 154 2.14 -16.60 -12.72
N ALA A 155 1.54 -15.46 -12.40
CA ALA A 155 1.41 -15.00 -11.02
C ALA A 155 -0.04 -14.92 -10.57
N TYR A 156 -0.26 -15.23 -9.30
CA TYR A 156 -1.60 -15.18 -8.70
C TYR A 156 -1.52 -14.42 -7.41
N GLY A 157 -2.43 -13.48 -7.21
CA GLY A 157 -2.56 -12.84 -5.92
C GLY A 157 -3.65 -13.54 -5.15
N TYR A 158 -3.39 -13.85 -3.89
CA TYR A 158 -4.37 -14.53 -3.03
C TYR A 158 -4.58 -13.72 -1.79
N GLY A 159 -5.86 -13.47 -1.48
CA GLY A 159 -6.28 -12.69 -0.33
C GLY A 159 -7.68 -13.00 0.13
N ILE A 160 -8.25 -12.07 0.89
CA ILE A 160 -9.60 -12.17 1.42
C ILE A 160 -10.50 -11.11 0.80
N ARG A 161 -11.69 -11.54 0.41
CA ARG A 161 -12.73 -10.65 -0.11
C ARG A 161 -13.50 -10.09 1.06
N TYR A 162 -12.99 -9.01 1.64
CA TYR A 162 -13.68 -8.36 2.74
C TYR A 162 -14.99 -7.75 2.23
N GLU A 163 -16.08 -7.96 2.95
CA GLU A 163 -17.34 -7.30 2.66
C GLU A 163 -17.25 -5.77 2.86
N PHE A 164 -16.48 -5.34 3.86
CA PHE A 164 -16.25 -3.94 4.18
C PHE A 164 -14.74 -3.67 4.19
N GLY A 165 -14.32 -2.76 3.33
CA GLY A 165 -12.92 -2.40 3.21
C GLY A 165 -12.59 -1.33 4.21
N ILE A 166 -11.55 -0.56 3.91
CA ILE A 166 -11.11 0.50 4.84
C ILE A 166 -12.28 1.49 4.96
N PHE A 167 -12.60 1.89 6.18
CA PHE A 167 -13.72 2.80 6.44
C PHE A 167 -13.68 4.13 5.65
N ASN A 168 -14.85 4.64 5.32
CA ASN A 168 -15.00 6.01 4.81
C ASN A 168 -14.88 6.98 5.98
N GLN A 169 -14.00 7.97 5.82
CA GLN A 169 -13.75 8.98 6.81
C GLN A 169 -14.60 10.20 6.54
N LYS A 170 -15.33 10.62 7.57
CA LYS A 170 -16.06 11.90 7.57
C LYS A 170 -15.41 12.73 8.64
N ILE A 171 -15.38 14.05 8.45
CA ILE A 171 -14.91 14.98 9.46
C ILE A 171 -16.15 15.73 9.98
N CYS A 172 -16.40 15.63 11.29
CA CYS A 172 -17.53 16.30 11.94
CA CYS A 172 -17.54 16.29 11.95
C CYS A 172 -17.02 17.13 13.10
N GLY A 173 -17.19 18.45 13.03
CA GLY A 173 -16.69 19.37 14.06
C GLY A 173 -15.17 19.27 14.22
N GLY A 174 -14.50 18.97 13.11
CA GLY A 174 -13.05 18.76 13.10
C GLY A 174 -12.52 17.40 13.55
N TRP A 175 -13.41 16.46 13.90
CA TRP A 175 -13.04 15.13 14.35
C TRP A 175 -13.31 14.08 13.27
N GLN A 176 -12.45 13.06 13.21
CA GLN A 176 -12.73 11.88 12.40
C GLN A 176 -13.94 11.09 12.93
N MET A 177 -14.89 10.82 12.04
CA MET A 177 -15.94 9.84 12.26
C MET A 177 -15.74 8.74 11.19
N GLU A 178 -16.03 7.49 11.55
CA GLU A 178 -15.89 6.36 10.63
C GLU A 178 -17.26 5.91 10.15
N GLU A 179 -17.38 5.60 8.87
CA GLU A 179 -18.55 4.85 8.42
C GLU A 179 -18.16 3.68 7.54
N ALA A 180 -18.99 2.65 7.56
CA ALA A 180 -18.73 1.40 6.85
C ALA A 180 -18.65 1.66 5.35
N ASP A 181 -17.69 0.99 4.75
CA ASP A 181 -17.40 1.07 3.31
C ASP A 181 -18.11 -0.12 2.66
N ASP A 182 -19.36 0.11 2.30
CA ASP A 182 -20.24 -0.94 1.76
C ASP A 182 -20.04 -0.99 0.24
N TRP A 183 -18.82 -1.35 -0.15
CA TRP A 183 -18.35 -1.24 -1.51
C TRP A 183 -19.04 -2.19 -2.49
N LEU A 184 -19.63 -3.26 -1.99
CA LEU A 184 -20.32 -4.24 -2.84
C LEU A 184 -21.81 -3.98 -3.01
N ARG A 185 -22.30 -2.88 -2.45
CA ARG A 185 -23.75 -2.60 -2.40
C ARG A 185 -24.41 -2.66 -3.78
N TYR A 186 -23.78 -2.03 -4.77
CA TYR A 186 -24.32 -1.99 -6.15
C TYR A 186 -23.84 -3.14 -7.05
N GLY A 187 -23.04 -4.05 -6.52
CA GLY A 187 -22.43 -5.13 -7.32
C GLY A 187 -21.02 -4.75 -7.76
N ASN A 188 -20.22 -5.77 -8.08
CA ASN A 188 -18.85 -5.58 -8.55
C ASN A 188 -18.80 -6.33 -9.88
N PRO A 189 -18.77 -5.58 -11.00
CA PRO A 189 -18.82 -6.24 -12.31
C PRO A 189 -17.51 -6.93 -12.71
N TRP A 190 -16.43 -6.68 -11.98
CA TRP A 190 -15.10 -7.18 -12.31
C TRP A 190 -14.85 -8.58 -11.82
N GLU A 191 -15.46 -8.97 -10.72
CA GLU A 191 -15.23 -10.29 -10.15
C GLU A 191 -16.08 -11.40 -10.78
N LYS A 192 -15.62 -12.64 -10.67
CA LYS A 192 -16.42 -13.81 -11.02
C LYS A 192 -16.34 -14.80 -9.85
N ALA A 193 -17.47 -15.07 -9.23
CA ALA A 193 -17.60 -16.13 -8.21
C ALA A 193 -17.28 -17.46 -8.83
N ARG A 194 -16.53 -18.29 -8.12
CA ARG A 194 -16.20 -19.62 -8.57
C ARG A 194 -16.60 -20.64 -7.47
N PRO A 195 -17.92 -20.74 -7.16
CA PRO A 195 -18.40 -21.65 -6.09
C PRO A 195 -17.99 -23.13 -6.22
N GLU A 196 -17.70 -23.57 -7.44
CA GLU A 196 -17.15 -24.89 -7.73
C GLU A 196 -15.75 -25.22 -7.19
N PHE A 197 -14.95 -24.19 -6.84
CA PHE A 197 -13.64 -24.39 -6.26
C PHE A 197 -13.66 -24.08 -4.75
N THR A 198 -14.84 -24.13 -4.15
CA THR A 198 -15.02 -23.98 -2.70
C THR A 198 -14.29 -25.10 -1.93
N LEU A 199 -13.59 -24.72 -0.87
CA LEU A 199 -12.72 -25.60 -0.11
C LEU A 199 -12.98 -25.44 1.40
N PRO A 200 -12.82 -26.52 2.17
CA PRO A 200 -12.99 -26.42 3.63
C PRO A 200 -11.76 -25.93 4.36
N VAL A 201 -11.99 -25.15 5.41
CA VAL A 201 -10.95 -24.68 6.32
C VAL A 201 -11.37 -25.09 7.74
N HIS A 202 -10.42 -25.63 8.50
CA HIS A 202 -10.65 -26.19 9.85
C HIS A 202 -10.15 -25.29 10.97
N PHE A 203 -10.88 -25.28 12.08
CA PHE A 203 -10.54 -24.49 13.27
C PHE A 203 -10.84 -25.30 14.54
N TYR A 204 -10.15 -24.97 15.61
CA TYR A 204 -10.31 -25.61 16.93
C TYR A 204 -9.91 -27.09 16.88
N GLY A 205 -10.72 -27.97 17.48
CA GLY A 205 -10.40 -29.37 17.52
C GLY A 205 -9.27 -29.74 18.47
N ARG A 206 -8.69 -30.91 18.25
CA ARG A 206 -7.59 -31.43 19.06
C ARG A 206 -6.80 -32.43 18.23
N VAL A 207 -5.62 -32.80 18.72
CA VAL A 207 -4.73 -33.68 18.00
C VAL A 207 -4.77 -35.07 18.62
N GLU A 208 -4.93 -36.08 17.79
CA GLU A 208 -4.81 -37.49 18.21
C GLU A 208 -3.56 -38.07 17.60
N HIS A 209 -2.78 -38.83 18.38
CA HIS A 209 -1.59 -39.49 17.86
C HIS A 209 -1.89 -40.96 17.70
N THR A 210 -1.85 -41.44 16.46
CA THR A 210 -2.04 -42.85 16.14
C THR A 210 -0.69 -43.49 15.77
N SER A 211 -0.71 -44.76 15.39
CA SER A 211 0.45 -45.42 14.76
C SER A 211 0.73 -44.91 13.33
N GLN A 212 -0.31 -44.35 12.68
CA GLN A 212 -0.19 -43.69 11.38
C GLN A 212 0.34 -42.23 11.43
N GLY A 213 0.60 -41.69 12.64
CA GLY A 213 0.98 -40.28 12.81
C GLY A 213 -0.11 -39.46 13.46
N ALA A 214 0.03 -38.14 13.39
CA ALA A 214 -0.92 -37.21 14.04
C ALA A 214 -2.16 -36.97 13.17
N LYS A 215 -3.31 -36.79 13.83
CA LYS A 215 -4.58 -36.51 13.15
C LYS A 215 -5.24 -35.36 13.86
N TRP A 216 -5.69 -34.37 13.09
CA TRP A 216 -6.37 -33.19 13.65
C TRP A 216 -7.86 -33.47 13.51
N VAL A 217 -8.55 -33.64 14.63
CA VAL A 217 -9.95 -34.13 14.66
C VAL A 217 -10.85 -33.17 15.43
N ASP A 218 -12.16 -33.38 15.32
CA ASP A 218 -13.22 -32.63 16.05
C ASP A 218 -13.21 -31.15 15.77
N THR A 219 -12.91 -30.80 14.53
CA THR A 219 -12.75 -29.41 14.15
C THR A 219 -14.08 -28.78 13.72
N GLN A 220 -14.12 -27.45 13.74
CA GLN A 220 -15.23 -26.69 13.16
C GLN A 220 -14.79 -26.35 11.74
N VAL A 221 -15.72 -26.44 10.79
CA VAL A 221 -15.41 -26.23 9.38
C VAL A 221 -16.05 -24.92 8.94
N VAL A 222 -15.29 -24.09 8.23
CA VAL A 222 -15.80 -22.96 7.48
C VAL A 222 -15.40 -23.15 6.03
N LEU A 223 -16.29 -22.85 5.11
CA LEU A 223 -15.98 -22.98 3.68
C LEU A 223 -15.36 -21.68 3.14
N ALA A 224 -14.43 -21.85 2.22
CA ALA A 224 -13.78 -20.75 1.54
C ALA A 224 -14.22 -20.78 0.08
N MET A 225 -14.96 -19.75 -0.33
CA MET A 225 -15.46 -19.63 -1.69
C MET A 225 -14.65 -18.57 -2.44
N PRO A 226 -14.05 -18.95 -3.57
CA PRO A 226 -13.20 -17.97 -4.28
C PRO A 226 -13.97 -17.08 -5.26
N TYR A 227 -13.53 -15.83 -5.34
CA TYR A 227 -13.96 -14.86 -6.33
C TYR A 227 -12.73 -14.41 -7.08
N ASP A 228 -12.78 -14.48 -8.42
CA ASP A 228 -11.62 -14.17 -9.26
C ASP A 228 -11.78 -12.82 -9.95
N THR A 229 -10.73 -12.02 -9.92
CA THR A 229 -10.70 -10.73 -10.59
C THR A 229 -9.55 -10.74 -11.59
N PRO A 230 -9.80 -10.30 -12.84
CA PRO A 230 -8.73 -10.22 -13.82
C PRO A 230 -7.74 -9.09 -13.57
N VAL A 231 -6.48 -9.36 -13.87
CA VAL A 231 -5.40 -8.39 -13.73
C VAL A 231 -4.69 -8.27 -15.09
N PRO A 232 -5.03 -7.24 -15.89
CA PRO A 232 -4.44 -7.13 -17.23
C PRO A 232 -3.04 -6.55 -17.21
N GLY A 233 -2.14 -7.13 -18.01
CA GLY A 233 -0.84 -6.52 -18.21
C GLY A 233 -0.93 -5.39 -19.23
N TYR A 234 0.15 -4.61 -19.38
CA TYR A 234 0.13 -3.44 -20.27
C TYR A 234 0.36 -3.84 -21.72
N ARG A 235 -0.73 -3.88 -22.48
CA ARG A 235 -0.71 -4.09 -23.94
C ARG A 235 0.03 -5.33 -24.41
N ASN A 236 0.02 -6.38 -23.59
CA ASN A 236 0.67 -7.63 -23.94
C ASN A 236 -0.30 -8.82 -24.02
N ASN A 237 -1.61 -8.52 -23.91
CA ASN A 237 -2.68 -9.52 -23.88
C ASN A 237 -2.56 -10.61 -22.79
N VAL A 238 -1.80 -10.34 -21.73
CA VAL A 238 -1.74 -11.24 -20.58
C VAL A 238 -2.78 -10.74 -19.57
N VAL A 239 -3.59 -11.67 -19.06
CA VAL A 239 -4.54 -11.37 -17.98
C VAL A 239 -4.36 -12.44 -16.91
N ASN A 240 -3.83 -12.01 -15.77
CA ASN A 240 -3.60 -12.87 -14.62
C ASN A 240 -4.81 -12.79 -13.68
N THR A 241 -4.76 -13.53 -12.59
CA THR A 241 -5.87 -13.66 -11.65
C THR A 241 -5.50 -13.21 -10.25
N MET A 242 -6.40 -12.44 -9.64
CA MET A 242 -6.41 -12.22 -8.21
C MET A 242 -7.56 -13.03 -7.63
N ARG A 243 -7.27 -14.00 -6.77
CA ARG A 243 -8.30 -14.87 -6.20
C ARG A 243 -8.51 -14.48 -4.72
N LEU A 244 -9.72 -14.05 -4.38
CA LEU A 244 -10.03 -13.59 -3.04
C LEU A 244 -11.10 -14.53 -2.42
N TRP A 245 -10.85 -14.97 -1.20
CA TRP A 245 -11.70 -15.95 -0.55
C TRP A 245 -12.75 -15.27 0.32
N SER A 246 -13.97 -15.82 0.30
CA SER A 246 -15.09 -15.36 1.11
C SER A 246 -15.54 -16.52 1.98
N ALA A 247 -15.89 -16.24 3.23
CA ALA A 247 -16.25 -17.26 4.21
C ALA A 247 -17.74 -17.61 4.13
N LYS A 248 -18.04 -18.90 4.13
CA LYS A 248 -19.40 -19.42 4.05
C LYS A 248 -19.58 -20.54 5.10
N ALA A 249 -20.71 -20.56 5.79
CA ALA A 249 -21.00 -21.65 6.72
C ALA A 249 -21.41 -22.91 5.92
N PRO A 250 -21.00 -24.11 6.36
CA PRO A 250 -21.64 -25.31 5.74
C PRO A 250 -23.16 -25.42 6.02
N ASN A 251 -23.91 -26.13 5.18
CA ASN A 251 -25.42 -26.14 5.32
C ASN A 251 -25.98 -26.86 6.55
N ASP A 252 -25.17 -27.74 7.13
CA ASP A 252 -25.55 -28.42 8.38
C ASP A 252 -25.00 -27.69 9.63
N PHE A 253 -24.45 -26.48 9.45
CA PHE A 253 -23.85 -25.66 10.54
C PHE A 253 -24.88 -25.41 11.66
N ASN A 254 -24.49 -25.79 12.88
CA ASN A 254 -25.38 -25.77 14.06
C ASN A 254 -26.65 -26.66 13.93
N LEU A 255 -26.70 -27.58 12.95
CA LEU A 255 -27.94 -28.37 12.65
C LEU A 255 -27.70 -29.89 12.63
N GLY A 262 -33.19 -23.33 18.81
CA GLY A 262 -33.76 -24.29 17.85
C GLY A 262 -33.36 -23.98 16.40
N TYR A 263 -34.22 -24.36 15.45
CA TYR A 263 -33.90 -24.23 14.01
C TYR A 263 -33.58 -22.78 13.60
N ILE A 264 -34.43 -21.82 13.99
CA ILE A 264 -34.24 -20.44 13.53
C ILE A 264 -32.89 -19.86 14.00
N GLN A 265 -32.59 -20.07 15.28
CA GLN A 265 -31.32 -19.57 15.85
C GLN A 265 -30.10 -20.17 15.20
N ALA A 266 -30.19 -21.45 14.84
CA ALA A 266 -29.10 -22.14 14.14
C ALA A 266 -28.76 -21.52 12.79
N VAL A 267 -29.80 -21.13 12.06
CA VAL A 267 -29.62 -20.47 10.78
C VAL A 267 -29.05 -19.07 11.02
N LEU A 268 -29.59 -18.35 12.00
CA LEU A 268 -29.08 -16.98 12.26
C LEU A 268 -27.61 -16.99 12.70
N ASP A 269 -27.21 -18.03 13.42
CA ASP A 269 -25.84 -18.17 13.92
C ASP A 269 -24.81 -18.54 12.86
N ARG A 270 -25.23 -18.79 11.63
CA ARG A 270 -24.27 -18.92 10.52
C ARG A 270 -23.34 -17.69 10.39
N ASN A 271 -23.84 -16.54 10.85
CA ASN A 271 -23.11 -15.28 10.83
CA ASN A 271 -23.10 -15.28 10.86
C ASN A 271 -21.77 -15.35 11.59
N LEU A 272 -21.71 -16.19 12.62
CA LEU A 272 -20.46 -16.36 13.38
C LEU A 272 -19.31 -16.85 12.50
N ALA A 273 -19.56 -17.87 11.66
CA ALA A 273 -18.54 -18.36 10.70
C ALA A 273 -18.23 -17.35 9.60
N GLU A 274 -19.26 -16.65 9.13
CA GLU A 274 -19.15 -15.80 7.95
C GLU A 274 -18.50 -14.46 8.30
N ASN A 275 -18.45 -14.14 9.59
CA ASN A 275 -17.74 -12.96 10.06
C ASN A 275 -16.25 -12.92 9.77
N ILE A 276 -15.65 -14.07 9.45
CA ILE A 276 -14.22 -14.11 9.12
C ILE A 276 -13.85 -13.17 7.98
N SER A 277 -14.68 -13.11 6.93
CA SER A 277 -14.42 -12.22 5.82
C SER A 277 -15.22 -10.91 5.82
N ARG A 278 -15.74 -10.51 6.97
CA ARG A 278 -16.66 -9.40 6.98
C ARG A 278 -15.95 -8.05 6.84
N VAL A 279 -14.82 -7.87 7.52
CA VAL A 279 -14.23 -6.52 7.62
C VAL A 279 -12.69 -6.53 7.75
N LEU A 280 -12.08 -5.62 7.00
CA LEU A 280 -10.64 -5.33 7.10
C LEU A 280 -10.31 -4.64 8.44
N TYR A 281 -9.35 -5.19 9.19
CA TYR A 281 -8.80 -4.47 10.36
C TYR A 281 -8.08 -3.21 9.87
N PRO A 282 -8.45 -2.04 10.43
CA PRO A 282 -8.01 -0.76 9.89
C PRO A 282 -6.71 -0.20 10.52
N ASN A 283 -5.78 -1.08 10.89
CA ASN A 283 -4.50 -0.70 11.49
C ASN A 283 -3.42 -0.57 10.44
N ASP A 284 -2.57 0.43 10.63
CA ASP A 284 -1.37 0.58 9.80
C ASP A 284 -0.20 0.62 10.77
N ASN A 285 0.68 -0.36 10.67
CA ASN A 285 1.85 -0.44 11.54
C ASN A 285 1.48 -0.53 13.02
N PHE A 286 0.47 -1.33 13.34
CA PHE A 286 0.11 -1.54 14.73
C PHE A 286 -0.55 -2.90 14.89
N PHE A 287 0.07 -3.77 15.69
CA PHE A 287 -0.45 -5.11 15.92
C PHE A 287 -1.41 -5.12 17.11
N GLU A 288 -2.65 -5.51 16.86
CA GLU A 288 -3.70 -5.47 17.89
C GLU A 288 -3.81 -6.80 18.65
N GLY A 289 -3.62 -7.91 17.96
CA GLY A 289 -3.62 -9.24 18.59
C GLY A 289 -5.01 -9.83 18.87
N LYS A 290 -5.97 -9.58 18.00
CA LYS A 290 -7.34 -10.08 18.21
C LYS A 290 -7.53 -11.46 17.57
N GLU A 291 -8.31 -12.32 18.22
CA GLU A 291 -8.60 -13.65 17.71
C GLU A 291 -9.18 -13.65 16.28
N LEU A 292 -10.11 -12.74 16.00
CA LEU A 292 -10.69 -12.69 14.65
C LEU A 292 -9.62 -12.49 13.56
N ARG A 293 -8.62 -11.65 13.84
CA ARG A 293 -7.52 -11.43 12.91
C ARG A 293 -6.70 -12.72 12.66
N LEU A 294 -6.45 -13.47 13.71
CA LEU A 294 -5.78 -14.76 13.56
C LEU A 294 -6.58 -15.72 12.70
N LYS A 295 -7.91 -15.76 12.89
CA LYS A 295 -8.76 -16.56 12.02
C LYS A 295 -8.69 -16.13 10.57
N GLN A 296 -8.65 -14.83 10.30
CA GLN A 296 -8.49 -14.33 8.94
C GLN A 296 -7.20 -14.80 8.30
N GLU A 297 -6.11 -14.72 9.08
CA GLU A 297 -4.80 -15.13 8.63
C GLU A 297 -4.78 -16.62 8.29
N TYR A 298 -5.31 -17.46 9.17
CA TYR A 298 -5.31 -18.88 8.85
C TYR A 298 -6.24 -19.21 7.64
N PHE A 299 -7.40 -18.59 7.64
CA PHE A 299 -8.39 -18.78 6.57
C PHE A 299 -7.77 -18.59 5.19
N VAL A 300 -7.07 -17.48 5.00
CA VAL A 300 -6.44 -17.21 3.72
C VAL A 300 -5.33 -18.20 3.38
N VAL A 301 -4.53 -18.55 4.38
CA VAL A 301 -3.45 -19.52 4.19
C VAL A 301 -3.92 -20.92 3.84
N ALA A 302 -4.87 -21.42 4.61
CA ALA A 302 -5.37 -22.77 4.45
C ALA A 302 -6.06 -22.95 3.12
N ALA A 303 -6.94 -22.03 2.75
CA ALA A 303 -7.62 -22.14 1.44
C ALA A 303 -6.61 -22.04 0.27
N THR A 304 -5.71 -21.06 0.36
CA THR A 304 -4.72 -20.85 -0.68
C THR A 304 -3.82 -22.09 -0.88
N LEU A 305 -3.29 -22.64 0.20
CA LEU A 305 -2.38 -23.78 0.06
C LEU A 305 -3.04 -25.03 -0.54
N GLN A 306 -4.30 -25.29 -0.22
CA GLN A 306 -5.04 -26.36 -0.88
C GLN A 306 -5.19 -26.11 -2.37
N ASP A 307 -5.45 -24.86 -2.72
CA ASP A 307 -5.64 -24.50 -4.13
C ASP A 307 -4.33 -24.66 -4.89
N ILE A 308 -3.23 -24.25 -4.24
CA ILE A 308 -1.88 -24.40 -4.80
C ILE A 308 -1.55 -25.87 -5.06
N ILE A 309 -1.82 -26.71 -4.05
CA ILE A 309 -1.49 -28.12 -4.15
C ILE A 309 -2.34 -28.81 -5.23
N ARG A 310 -3.63 -28.45 -5.29
CA ARG A 310 -4.54 -28.97 -6.33
C ARG A 310 -4.02 -28.67 -7.74
N ARG A 311 -3.60 -27.42 -7.96
CA ARG A 311 -3.10 -26.97 -9.26
C ARG A 311 -1.78 -27.68 -9.61
N PHE A 312 -0.92 -27.89 -8.61
CA PHE A 312 0.32 -28.65 -8.78
C PHE A 312 0.09 -30.12 -9.18
N LYS A 313 -0.88 -30.79 -8.53
CA LYS A 313 -1.15 -32.19 -8.86
C LYS A 313 -1.81 -32.37 -10.23
N SER A 314 -2.52 -31.34 -10.71
CA SER A 314 -3.27 -31.39 -11.97
C SER A 314 -2.48 -30.97 -13.21
N SER A 315 -1.22 -31.38 -13.31
CA SER A 315 -0.44 -31.28 -14.55
C SER A 315 -0.82 -32.45 -15.45
N THR A 325 2.51 -37.43 -5.93
CA THR A 325 3.52 -38.21 -5.22
C THR A 325 4.83 -37.45 -5.12
N ASN A 326 5.31 -36.91 -6.24
CA ASN A 326 6.66 -36.32 -6.28
C ASN A 326 6.69 -34.83 -5.88
N PHE A 327 6.73 -34.61 -4.58
CA PHE A 327 6.87 -33.25 -4.06
C PHE A 327 8.29 -32.72 -4.15
N ASP A 328 9.26 -33.52 -4.58
CA ASP A 328 10.63 -33.01 -4.81
C ASP A 328 10.68 -31.88 -5.86
N ALA A 329 9.76 -31.91 -6.82
CA ALA A 329 9.63 -30.88 -7.85
C ALA A 329 8.77 -29.67 -7.45
N PHE A 330 8.21 -29.68 -6.24
CA PHE A 330 7.27 -28.66 -5.82
C PHE A 330 7.91 -27.25 -5.87
N PRO A 331 9.11 -27.09 -5.27
CA PRO A 331 9.76 -25.78 -5.36
C PRO A 331 10.22 -25.36 -6.78
N ASP A 332 10.35 -26.29 -7.71
CA ASP A 332 10.56 -25.94 -9.13
C ASP A 332 9.31 -25.43 -9.84
N LYS A 333 8.12 -25.71 -9.29
CA LYS A 333 6.88 -25.31 -9.89
C LYS A 333 6.08 -24.27 -9.11
N VAL A 334 6.54 -23.94 -7.90
CA VAL A 334 5.79 -23.10 -6.97
C VAL A 334 6.73 -22.19 -6.23
N ALA A 335 6.40 -20.89 -6.21
CA ALA A 335 6.98 -19.94 -5.26
C ALA A 335 5.87 -19.26 -4.47
N ILE A 336 6.06 -19.16 -3.16
CA ILE A 336 5.10 -18.51 -2.27
C ILE A 336 5.82 -17.31 -1.64
N GLN A 337 5.31 -16.13 -1.87
CA GLN A 337 5.86 -14.91 -1.32
C GLN A 337 4.95 -14.43 -0.20
N LEU A 338 5.52 -14.27 0.99
CA LEU A 338 4.79 -13.88 2.17
C LEU A 338 4.95 -12.35 2.35
N ASN A 339 3.83 -11.65 2.31
CA ASN A 339 3.79 -10.17 2.42
C ASN A 339 3.72 -9.83 3.92
N ASP A 340 4.88 -9.61 4.53
CA ASP A 340 5.08 -9.51 5.96
CA ASP A 340 5.01 -9.47 5.98
C ASP A 340 4.72 -10.84 6.63
N THR A 341 4.52 -10.85 7.94
CA THR A 341 4.25 -12.10 8.66
C THR A 341 2.78 -12.46 8.67
N HIS A 342 1.95 -11.60 8.09
CA HIS A 342 0.48 -11.82 8.18
C HIS A 342 0.05 -13.21 7.65
N PRO A 343 0.68 -13.71 6.58
CA PRO A 343 0.42 -15.09 6.15
C PRO A 343 1.49 -16.10 6.55
N SER A 344 2.22 -15.82 7.63
CA SER A 344 3.29 -16.68 8.11
C SER A 344 2.85 -18.12 8.46
N LEU A 345 1.58 -18.31 8.80
CA LEU A 345 1.08 -19.65 9.05
C LEU A 345 1.18 -20.55 7.82
N ALA A 346 1.46 -20.01 6.63
CA ALA A 346 1.74 -20.84 5.46
C ALA A 346 2.86 -21.83 5.70
N ILE A 347 3.84 -21.45 6.51
CA ILE A 347 5.00 -22.32 6.81
C ILE A 347 4.58 -23.58 7.58
N PRO A 348 3.96 -23.44 8.77
CA PRO A 348 3.50 -24.66 9.44
C PRO A 348 2.33 -25.37 8.76
N GLU A 349 1.49 -24.65 8.00
CA GLU A 349 0.42 -25.31 7.25
C GLU A 349 0.98 -26.20 6.13
N LEU A 350 1.98 -25.71 5.41
CA LEU A 350 2.64 -26.50 4.38
C LEU A 350 3.28 -27.74 5.02
N MET A 351 3.92 -27.57 6.17
CA MET A 351 4.47 -28.72 6.88
C MET A 351 3.40 -29.73 7.28
N ARG A 352 2.29 -29.21 7.82
CA ARG A 352 1.15 -30.06 8.20
C ARG A 352 0.61 -30.91 7.06
N VAL A 353 0.37 -30.27 5.93
CA VAL A 353 -0.13 -30.97 4.75
C VAL A 353 0.88 -32.05 4.30
N LEU A 354 2.14 -31.67 4.15
CA LEU A 354 3.15 -32.61 3.67
C LEU A 354 3.41 -33.78 4.63
N VAL A 355 3.44 -33.51 5.94
CA VAL A 355 3.72 -34.54 6.94
C VAL A 355 2.46 -35.35 7.31
N ASP A 356 1.41 -34.66 7.75
CA ASP A 356 0.18 -35.35 8.21
C ASP A 356 -0.66 -35.97 7.11
N LEU A 357 -0.77 -35.32 5.96
CA LEU A 357 -1.67 -35.78 4.90
C LEU A 357 -0.98 -36.51 3.76
N GLU A 358 0.16 -36.00 3.29
CA GLU A 358 0.94 -36.64 2.22
C GLU A 358 1.98 -37.64 2.70
N ARG A 359 2.24 -37.65 4.01
CA ARG A 359 3.12 -38.65 4.66
C ARG A 359 4.59 -38.57 4.23
N LEU A 360 5.06 -37.37 3.93
CA LEU A 360 6.48 -37.12 3.74
C LEU A 360 7.15 -37.16 5.11
N ASP A 361 8.41 -37.58 5.14
CA ASP A 361 9.18 -37.47 6.38
C ASP A 361 9.51 -36.01 6.66
N TRP A 362 9.71 -35.69 7.92
CA TRP A 362 9.89 -34.32 8.36
C TRP A 362 10.98 -33.57 7.59
N ASP A 363 12.15 -34.17 7.46
CA ASP A 363 13.31 -33.50 6.83
C ASP A 363 13.07 -33.15 5.35
N LYS A 364 12.44 -34.05 4.62
CA LYS A 364 12.08 -33.81 3.23
C LYS A 364 11.03 -32.70 3.12
N ALA A 365 9.99 -32.77 3.96
CA ALA A 365 8.97 -31.72 4.01
C ALA A 365 9.56 -30.34 4.29
N TRP A 366 10.49 -30.27 5.23
CA TRP A 366 11.16 -29.01 5.58
C TRP A 366 11.99 -28.44 4.43
N GLU A 367 12.74 -29.31 3.74
CA GLU A 367 13.48 -28.89 2.54
C GLU A 367 12.57 -28.27 1.49
N VAL A 368 11.44 -28.91 1.22
CA VAL A 368 10.46 -28.39 0.26
C VAL A 368 9.90 -27.03 0.72
N THR A 369 9.56 -26.94 2.00
CA THR A 369 8.95 -25.74 2.55
C THR A 369 9.89 -24.53 2.42
N VAL A 370 11.12 -24.70 2.88
CA VAL A 370 12.12 -23.63 2.86
C VAL A 370 12.41 -23.16 1.41
N LYS A 371 12.51 -24.09 0.48
CA LYS A 371 12.77 -23.76 -0.93
C LYS A 371 11.58 -23.10 -1.65
N THR A 372 10.39 -23.34 -1.12
CA THR A 372 9.18 -22.75 -1.67
C THR A 372 8.88 -21.32 -1.16
N CYS A 373 9.14 -21.08 0.13
CA CYS A 373 8.70 -19.85 0.79
C CYS A 373 9.78 -18.79 0.82
N ALA A 374 9.36 -17.53 0.66
CA ALA A 374 10.22 -16.36 0.87
C ALA A 374 9.41 -15.28 1.59
N TYR A 375 10.11 -14.47 2.40
CA TYR A 375 9.51 -13.53 3.32
C TYR A 375 10.01 -12.12 3.05
N THR A 376 9.07 -11.20 2.89
CA THR A 376 9.38 -9.79 2.80
C THR A 376 8.94 -9.11 4.07
N ASN A 377 9.89 -8.45 4.74
CA ASN A 377 9.63 -7.60 5.93
C ASN A 377 9.36 -6.15 5.47
N HIS A 378 8.34 -5.52 6.05
CA HIS A 378 7.92 -4.16 5.68
C HIS A 378 7.97 -3.15 6.84
N THR A 379 8.49 -3.52 8.00
CA THR A 379 8.54 -2.58 9.11
C THR A 379 9.46 -3.07 10.21
N VAL A 380 10.11 -2.13 10.90
CA VAL A 380 10.87 -2.41 12.12
C VAL A 380 10.24 -1.84 13.39
N LEU A 381 9.10 -1.16 13.29
CA LEU A 381 8.49 -0.61 14.50
C LEU A 381 8.05 -1.74 15.44
N PRO A 382 8.46 -1.70 16.73
CA PRO A 382 8.19 -2.81 17.66
C PRO A 382 6.71 -3.11 17.84
N GLU A 383 5.89 -2.06 17.84
CA GLU A 383 4.44 -2.23 18.00
C GLU A 383 3.72 -2.85 16.77
N ALA A 384 4.41 -2.97 15.63
CA ALA A 384 3.85 -3.57 14.42
C ALA A 384 4.19 -5.06 14.28
N LEU A 385 5.11 -5.58 15.08
CA LEU A 385 5.55 -6.98 14.94
C LEU A 385 4.54 -7.97 15.55
N GLU A 386 4.18 -9.01 14.81
CA GLU A 386 3.18 -9.97 15.29
C GLU A 386 3.79 -10.96 16.27
N ARG A 387 3.25 -10.98 17.47
CA ARG A 387 3.64 -11.92 18.48
C ARG A 387 2.37 -12.51 19.08
N TRP A 388 2.01 -13.72 18.67
CA TRP A 388 0.74 -14.28 19.05
C TRP A 388 0.87 -15.06 20.36
N PRO A 389 -0.04 -14.81 21.33
CA PRO A 389 -0.05 -15.64 22.54
C PRO A 389 -0.21 -17.13 22.27
N VAL A 390 0.59 -17.94 22.96
CA VAL A 390 0.54 -19.38 22.82
C VAL A 390 -0.86 -19.94 23.13
N HIS A 391 -1.53 -19.42 24.16
CA HIS A 391 -2.88 -19.92 24.56
C HIS A 391 -3.93 -19.78 23.44
N LEU A 392 -3.82 -18.72 22.65
CA LEU A 392 -4.67 -18.54 21.45
C LEU A 392 -4.41 -19.60 20.40
N LEU A 393 -3.14 -19.81 20.06
CA LEU A 393 -2.77 -20.84 19.07
C LEU A 393 -3.11 -22.23 19.57
N GLU A 394 -2.92 -22.48 20.87
CA GLU A 394 -3.25 -23.78 21.44
C GLU A 394 -4.73 -24.14 21.27
N THR A 395 -5.60 -23.15 21.41
CA THR A 395 -7.05 -23.36 21.28
C THR A 395 -7.49 -23.43 19.83
N LEU A 396 -7.00 -22.50 19.04
CA LEU A 396 -7.48 -22.33 17.68
C LEU A 396 -6.84 -23.32 16.68
N LEU A 397 -5.54 -23.57 16.86
CA LEU A 397 -4.72 -24.27 15.86
C LEU A 397 -3.75 -25.19 16.55
N PRO A 398 -4.29 -26.17 17.29
CA PRO A 398 -3.41 -26.99 18.14
C PRO A 398 -2.33 -27.77 17.41
N ARG A 399 -2.63 -28.27 16.21
CA ARG A 399 -1.60 -28.99 15.46
C ARG A 399 -0.48 -28.04 14.98
N HIS A 400 -0.85 -26.83 14.56
CA HIS A 400 0.12 -25.83 14.13
C HIS A 400 1.07 -25.44 15.25
N LEU A 401 0.55 -25.33 16.48
CA LEU A 401 1.42 -25.05 17.62
C LEU A 401 2.46 -26.16 17.84
N GLN A 402 2.06 -27.43 17.73
CA GLN A 402 2.99 -28.57 17.85
C GLN A 402 4.07 -28.51 16.78
N ILE A 403 3.67 -28.20 15.55
CA ILE A 403 4.64 -28.10 14.46
C ILE A 403 5.60 -26.92 14.70
N ILE A 404 5.09 -25.78 15.17
CA ILE A 404 5.94 -24.63 15.52
C ILE A 404 6.98 -24.96 16.58
N TYR A 405 6.58 -25.69 17.61
CA TYR A 405 7.52 -26.11 18.66
C TYR A 405 8.63 -27.01 18.11
N GLU A 406 8.26 -27.89 17.19
CA GLU A 406 9.23 -28.80 16.58
C GLU A 406 10.16 -28.05 15.66
N ILE A 407 9.63 -27.10 14.90
CA ILE A 407 10.48 -26.21 14.08
C ILE A 407 11.51 -25.50 14.98
N ASN A 408 11.03 -24.97 16.09
CA ASN A 408 11.86 -24.22 17.03
C ASN A 408 12.98 -25.07 17.61
N GLN A 409 12.65 -26.26 18.08
CA GLN A 409 13.64 -27.17 18.68
C GLN A 409 14.74 -27.53 17.67
N ARG A 410 14.35 -27.84 16.43
CA ARG A 410 15.32 -28.14 15.37
C ARG A 410 16.17 -26.95 14.97
N PHE A 411 15.54 -25.77 14.89
CA PHE A 411 16.26 -24.53 14.57
C PHE A 411 17.30 -24.15 15.64
N LEU A 412 16.89 -24.18 16.91
CA LEU A 412 17.82 -23.87 18.00
C LEU A 412 18.94 -24.90 18.13
N ASN A 413 18.67 -26.17 17.80
CA ASN A 413 19.74 -27.16 17.68
C ASN A 413 20.84 -26.75 16.69
N ARG A 414 20.45 -26.16 15.55
CA ARG A 414 21.41 -25.61 14.59
C ARG A 414 22.17 -24.41 15.14
N VAL A 415 21.45 -23.50 15.80
CA VAL A 415 22.09 -22.32 16.43
C VAL A 415 23.17 -22.76 17.45
N ALA A 416 22.81 -23.70 18.31
CA ALA A 416 23.72 -24.20 19.35
C ALA A 416 24.98 -24.86 18.78
N ALA A 417 24.84 -25.52 17.63
CA ALA A 417 25.98 -26.15 16.95
C ALA A 417 26.89 -25.12 16.33
N ALA A 418 26.33 -24.02 15.84
CA ALA A 418 27.11 -22.95 15.21
C ALA A 418 27.77 -22.00 16.23
N PHE A 419 27.13 -21.81 17.39
CA PHE A 419 27.59 -20.87 18.41
C PHE A 419 27.54 -21.56 19.77
N PRO A 420 28.40 -22.57 19.98
CA PRO A 420 28.33 -23.38 21.21
C PRO A 420 28.54 -22.54 22.46
N GLY A 421 27.67 -22.71 23.45
CA GLY A 421 27.74 -22.01 24.72
C GLY A 421 27.09 -20.65 24.76
N ASP A 422 26.63 -20.14 23.61
CA ASP A 422 26.04 -18.82 23.54
C ASP A 422 24.56 -18.94 23.90
N VAL A 423 24.31 -19.05 25.21
CA VAL A 423 22.96 -19.27 25.72
C VAL A 423 22.06 -18.06 25.52
N ASP A 424 22.59 -16.84 25.62
CA ASP A 424 21.72 -15.68 25.39
CA ASP A 424 21.79 -15.64 25.39
C ASP A 424 21.26 -15.62 23.94
N ARG A 425 22.12 -16.02 22.98
CA ARG A 425 21.71 -16.07 21.58
C ARG A 425 20.52 -17.03 21.39
N LEU A 426 20.58 -18.20 22.02
CA LEU A 426 19.46 -19.14 21.96
C LEU A 426 18.15 -18.52 22.41
N ARG A 427 18.15 -17.79 23.52
CA ARG A 427 16.91 -17.13 23.95
C ARG A 427 16.48 -16.02 22.99
N ARG A 428 17.42 -15.21 22.46
CA ARG A 428 17.07 -14.13 21.52
C ARG A 428 16.50 -14.66 20.21
N MET A 429 17.01 -15.80 19.74
CA MET A 429 16.60 -16.33 18.43
C MET A 429 15.37 -17.24 18.48
N SER A 430 14.98 -17.68 19.68
CA SER A 430 13.86 -18.63 19.82
C SER A 430 12.60 -18.09 19.14
N LEU A 431 11.83 -18.99 18.53
CA LEU A 431 10.52 -18.63 18.02
C LEU A 431 9.53 -18.41 19.16
N VAL A 432 9.82 -19.00 20.32
CA VAL A 432 8.97 -18.89 21.50
C VAL A 432 9.57 -17.85 22.46
N GLU A 433 8.83 -16.77 22.73
CA GLU A 433 9.23 -15.76 23.71
C GLU A 433 8.66 -16.07 25.09
N GLU A 434 9.53 -16.07 26.09
CA GLU A 434 9.12 -16.25 27.49
C GLU A 434 8.64 -14.94 28.10
N GLY A 435 7.86 -15.05 29.16
CA GLY A 435 7.29 -13.87 29.83
C GLY A 435 6.05 -14.27 30.61
N ALA A 436 5.34 -13.27 31.12
CA ALA A 436 4.05 -13.47 31.78
C ALA A 436 3.15 -14.30 30.88
N VAL A 437 3.00 -13.85 29.63
CA VAL A 437 2.37 -14.66 28.58
C VAL A 437 3.45 -15.08 27.57
N LYS A 438 3.54 -16.37 27.31
CA LYS A 438 4.39 -16.88 26.24
C LYS A 438 3.74 -16.52 24.90
N ARG A 439 4.57 -16.12 23.94
CA ARG A 439 4.14 -15.72 22.61
C ARG A 439 5.03 -16.39 21.54
N ILE A 440 4.50 -16.50 20.32
CA ILE A 440 5.30 -16.92 19.16
C ILE A 440 5.67 -15.68 18.38
N ASN A 441 6.96 -15.52 18.10
CA ASN A 441 7.45 -14.43 17.29
C ASN A 441 7.36 -14.89 15.84
N MET A 442 6.42 -14.30 15.10
CA MET A 442 6.13 -14.77 13.75
C MET A 442 7.24 -14.41 12.76
N ALA A 443 7.95 -13.31 13.01
CA ALA A 443 9.07 -12.94 12.15
C ALA A 443 10.18 -13.98 12.25
N HIS A 444 10.44 -14.49 13.45
CA HIS A 444 11.46 -15.53 13.61
C HIS A 444 11.05 -16.81 12.89
N LEU A 445 9.78 -17.15 12.95
CA LEU A 445 9.27 -18.28 12.18
C LEU A 445 9.48 -18.09 10.67
N CYS A 446 9.16 -16.89 10.15
CA CYS A 446 9.35 -16.62 8.72
C CYS A 446 10.79 -16.75 8.28
N ILE A 447 11.72 -16.27 9.09
CA ILE A 447 13.14 -16.35 8.71
C ILE A 447 13.62 -17.81 8.69
N ALA A 448 13.25 -18.58 9.71
CA ALA A 448 13.63 -20.00 9.78
C ALA A 448 13.10 -20.82 8.62
N GLY A 449 11.90 -20.52 8.15
CA GLY A 449 11.24 -21.33 7.12
C GLY A 449 11.25 -20.80 5.70
N SER A 450 12.08 -19.78 5.43
CA SER A 450 12.16 -19.14 4.11
C SER A 450 13.61 -19.22 3.58
N HIS A 451 13.78 -19.40 2.27
CA HIS A 451 15.10 -19.39 1.66
C HIS A 451 15.61 -17.97 1.36
N ALA A 452 14.74 -16.98 1.46
CA ALA A 452 15.11 -15.59 1.21
C ALA A 452 14.29 -14.68 2.12
N VAL A 453 14.94 -13.66 2.64
CA VAL A 453 14.33 -12.62 3.48
C VAL A 453 14.78 -11.29 2.90
N ASN A 454 13.85 -10.39 2.59
CA ASN A 454 14.22 -9.09 2.06
C ASN A 454 13.53 -7.95 2.78
N GLY A 455 14.24 -6.83 2.85
CA GLY A 455 13.64 -5.53 3.17
C GLY A 455 13.28 -4.80 1.88
N VAL A 456 12.75 -3.59 2.03
CA VAL A 456 12.01 -2.92 0.95
C VAL A 456 12.63 -1.58 0.52
N ALA A 457 13.82 -1.30 1.04
CA ALA A 457 14.68 -0.19 0.59
C ALA A 457 16.06 -0.47 1.17
N ARG A 458 17.10 0.04 0.52
CA ARG A 458 18.47 -0.26 0.93
C ARG A 458 18.74 0.02 2.41
N ILE A 459 18.33 1.18 2.90
CA ILE A 459 18.59 1.52 4.30
C ILE A 459 17.87 0.59 5.29
N HIS A 460 16.64 0.21 4.93
CA HIS A 460 15.83 -0.72 5.70
C HIS A 460 16.45 -2.13 5.74
N SER A 461 16.85 -2.63 4.58
CA SER A 461 17.51 -3.94 4.52
C SER A 461 18.80 -3.98 5.35
N GLU A 462 19.54 -2.86 5.36
CA GLU A 462 20.75 -2.76 6.17
C GLU A 462 20.42 -2.73 7.67
N ILE A 463 19.39 -1.98 8.04
CA ILE A 463 18.89 -1.98 9.43
C ILE A 463 18.52 -3.41 9.89
N LEU A 464 17.85 -4.18 9.03
CA LEU A 464 17.49 -5.56 9.35
C LEU A 464 18.74 -6.37 9.71
N LYS A 465 19.78 -6.25 8.91
CA LYS A 465 21.02 -7.01 9.14
C LYS A 465 21.85 -6.54 10.35
N LYS A 466 21.74 -5.26 10.67
CA LYS A 466 22.53 -4.66 11.76
C LYS A 466 21.84 -4.66 13.11
N THR A 467 20.52 -4.68 13.14
CA THR A 467 19.76 -4.56 14.40
C THR A 467 18.81 -5.73 14.63
N ILE A 468 17.59 -5.67 14.14
CA ILE A 468 16.58 -6.60 14.64
C ILE A 468 16.79 -8.03 14.23
N PHE A 469 17.35 -8.28 13.04
CA PHE A 469 17.64 -9.66 12.62
C PHE A 469 19.14 -9.97 12.57
N LYS A 470 19.96 -9.20 13.29
CA LYS A 470 21.39 -9.43 13.31
C LYS A 470 21.79 -10.87 13.60
N ASP A 471 21.18 -11.49 14.60
CA ASP A 471 21.52 -12.88 14.97
C ASP A 471 21.29 -13.87 13.80
N PHE A 472 20.18 -13.66 13.09
CA PHE A 472 19.78 -14.51 11.95
C PHE A 472 20.71 -14.31 10.77
N TYR A 473 21.10 -13.06 10.54
CA TYR A 473 22.05 -12.72 9.49
C TYR A 473 23.41 -13.40 9.73
N GLU A 474 23.83 -13.44 10.99
CA GLU A 474 25.10 -14.12 11.34
C GLU A 474 25.03 -15.62 11.11
N LEU A 475 23.86 -16.23 11.34
CA LEU A 475 23.72 -17.67 11.10
C LEU A 475 23.64 -18.01 9.60
N GLU A 476 22.88 -17.22 8.85
CA GLU A 476 22.53 -17.53 7.45
C GLU A 476 22.62 -16.28 6.57
N PRO A 477 23.83 -15.74 6.38
CA PRO A 477 23.99 -14.45 5.69
C PRO A 477 23.40 -14.45 4.27
N HIS A 478 23.55 -15.59 3.59
CA HIS A 478 23.01 -15.80 2.23
C HIS A 478 21.49 -15.57 2.05
N LYS A 479 20.70 -15.71 3.11
CA LYS A 479 19.27 -15.46 3.03
C LYS A 479 18.86 -13.99 2.77
N PHE A 480 19.67 -13.05 3.23
CA PHE A 480 19.25 -11.66 3.36
C PHE A 480 19.50 -10.82 2.12
N GLN A 481 18.44 -10.17 1.64
CA GLN A 481 18.47 -9.44 0.39
C GLN A 481 17.79 -8.10 0.56
N ASN A 482 17.96 -7.24 -0.44
CA ASN A 482 17.17 -6.02 -0.57
C ASN A 482 16.38 -6.09 -1.86
N LYS A 483 15.17 -5.56 -1.82
CA LYS A 483 14.38 -5.31 -3.01
C LYS A 483 13.68 -3.96 -2.81
N THR A 484 14.27 -2.91 -3.35
CA THR A 484 13.69 -1.61 -3.18
C THR A 484 12.33 -1.55 -3.87
N ASN A 485 11.37 -1.00 -3.16
CA ASN A 485 10.01 -0.84 -3.65
C ASN A 485 9.91 0.02 -4.92
N GLY A 486 8.73 -0.06 -5.54
CA GLY A 486 8.40 0.70 -6.71
C GLY A 486 6.90 0.88 -6.85
N ILE A 487 6.50 1.65 -7.85
CA ILE A 487 5.10 1.93 -8.16
C ILE A 487 4.88 1.68 -9.64
N THR A 488 3.66 1.32 -10.01
CA THR A 488 3.38 1.14 -11.40
C THR A 488 3.20 2.46 -12.17
N PRO A 489 3.95 2.63 -13.27
CA PRO A 489 3.78 3.86 -14.03
C PRO A 489 2.50 3.91 -14.87
N ARG A 490 1.78 2.79 -14.99
CA ARG A 490 0.48 2.83 -15.63
C ARG A 490 -0.50 3.65 -14.77
N ARG A 491 -0.86 3.16 -13.59
CA ARG A 491 -1.75 3.92 -12.73
C ARG A 491 -1.18 5.30 -12.35
N TRP A 492 0.11 5.35 -12.02
CA TRP A 492 0.67 6.51 -11.35
C TRP A 492 1.31 7.54 -12.27
N LEU A 493 1.18 7.35 -13.59
CA LEU A 493 1.52 8.42 -14.54
C LEU A 493 0.49 8.51 -15.67
N VAL A 494 0.35 7.46 -16.47
CA VAL A 494 -0.51 7.48 -17.66
C VAL A 494 -1.98 7.71 -17.29
N LEU A 495 -2.45 6.98 -16.29
CA LEU A 495 -3.83 7.08 -15.87
C LEU A 495 -4.12 8.41 -15.15
N CYS A 496 -3.33 8.76 -14.15
CA CYS A 496 -3.67 9.94 -13.34
C CYS A 496 -3.17 11.28 -13.91
N ASN A 497 -2.20 11.26 -14.83
CA ASN A 497 -1.59 12.48 -15.35
C ASN A 497 -1.32 12.35 -16.85
N PRO A 498 -2.40 12.22 -17.64
CA PRO A 498 -2.24 12.04 -19.08
C PRO A 498 -1.53 13.20 -19.80
N GLY A 499 -1.73 14.43 -19.32
CA GLY A 499 -1.05 15.59 -19.89
C GLY A 499 0.47 15.53 -19.78
N LEU A 500 0.97 15.03 -18.65
CA LEU A 500 2.40 14.84 -18.48
C LEU A 500 2.91 13.69 -19.32
N ALA A 501 2.17 12.58 -19.32
CA ALA A 501 2.53 11.41 -20.12
C ALA A 501 2.66 11.79 -21.60
N GLU A 502 1.79 12.67 -22.05
CA GLU A 502 1.74 13.06 -23.43
C GLU A 502 2.93 13.93 -23.85
N ILE A 503 3.25 14.96 -23.06
CA ILE A 503 4.37 15.84 -23.40
C ILE A 503 5.71 15.10 -23.34
N ILE A 504 5.80 14.07 -22.50
CA ILE A 504 6.98 13.20 -22.48
C ILE A 504 7.02 12.37 -23.76
N ALA A 505 5.89 11.76 -24.12
CA ALA A 505 5.80 10.92 -25.31
C ALA A 505 6.10 11.68 -26.61
N GLU A 506 5.72 12.96 -26.67
CA GLU A 506 6.01 13.80 -27.84
C GLU A 506 7.52 13.88 -28.13
N ARG A 507 8.33 13.83 -27.07
CA ARG A 507 9.79 13.90 -27.21
C ARG A 507 10.44 12.53 -27.38
N ILE A 508 10.06 11.55 -26.55
CA ILE A 508 10.81 10.29 -26.48
C ILE A 508 10.03 9.02 -26.83
N GLY A 509 8.79 9.17 -27.30
CA GLY A 509 7.97 8.04 -27.70
C GLY A 509 7.27 7.43 -26.50
N GLU A 510 6.58 6.34 -26.77
CA GLU A 510 5.74 5.64 -25.78
C GLU A 510 6.42 4.48 -25.04
N GLU A 511 7.63 4.09 -25.42
CA GLU A 511 8.24 2.88 -24.87
C GLU A 511 8.50 2.98 -23.36
N TYR A 512 8.71 4.19 -22.86
CA TYR A 512 8.98 4.39 -21.43
C TYR A 512 7.90 3.86 -20.49
N ILE A 513 6.67 3.72 -20.97
CA ILE A 513 5.55 3.27 -20.12
C ILE A 513 5.80 1.86 -19.58
N SER A 514 6.52 1.02 -20.32
CA SER A 514 6.90 -0.30 -19.81
C SER A 514 8.43 -0.45 -19.66
N ASP A 515 9.14 0.66 -19.71
CA ASP A 515 10.58 0.67 -19.51
C ASP A 515 10.95 2.07 -19.02
N LEU A 516 10.70 2.29 -17.73
CA LEU A 516 10.71 3.64 -17.17
C LEU A 516 12.10 4.27 -17.11
N ASP A 517 13.16 3.45 -17.18
CA ASP A 517 14.53 3.96 -17.30
C ASP A 517 14.73 4.87 -18.49
N GLN A 518 13.89 4.73 -19.50
CA GLN A 518 13.98 5.62 -20.66
C GLN A 518 13.71 7.10 -20.34
N LEU A 519 13.05 7.40 -19.21
CA LEU A 519 12.91 8.78 -18.76
C LEU A 519 14.23 9.57 -18.62
N ARG A 520 15.36 8.86 -18.40
CA ARG A 520 16.71 9.50 -18.43
C ARG A 520 16.97 10.35 -19.68
N LYS A 521 16.40 9.94 -20.81
CA LYS A 521 16.47 10.74 -22.05
C LYS A 521 15.98 12.18 -21.88
N LEU A 522 15.10 12.43 -20.90
CA LEU A 522 14.64 13.79 -20.61
C LEU A 522 15.67 14.75 -20.05
N LEU A 523 16.80 14.25 -19.55
CA LEU A 523 17.91 15.13 -19.18
C LEU A 523 18.43 15.98 -20.34
N SER A 524 18.27 15.50 -21.58
CA SER A 524 18.69 16.25 -22.77
CA SER A 524 18.68 16.24 -22.78
C SER A 524 17.78 17.44 -23.08
N TYR A 525 16.68 17.58 -22.33
CA TYR A 525 15.70 18.66 -22.52
C TYR A 525 15.64 19.66 -21.36
N VAL A 526 16.56 19.55 -20.41
CA VAL A 526 16.55 20.41 -19.22
C VAL A 526 16.75 21.91 -19.53
N ASP A 527 17.40 22.22 -20.65
CA ASP A 527 17.57 23.59 -21.12
C ASP A 527 16.72 23.93 -22.34
N ASP A 528 15.70 23.12 -22.64
CA ASP A 528 14.83 23.35 -23.80
C ASP A 528 13.67 24.22 -23.33
N GLU A 529 13.56 25.44 -23.86
CA GLU A 529 12.54 26.39 -23.39
C GLU A 529 11.12 25.87 -23.61
N ALA A 530 10.88 25.19 -24.73
CA ALA A 530 9.56 24.63 -25.02
C ALA A 530 9.17 23.56 -24.00
N PHE A 531 10.09 22.62 -23.72
CA PHE A 531 9.83 21.55 -22.71
C PHE A 531 9.61 22.12 -21.32
N ILE A 532 10.45 23.09 -20.91
CA ILE A 532 10.25 23.80 -19.63
C ILE A 532 8.85 24.41 -19.51
N ARG A 533 8.44 25.11 -20.56
CA ARG A 533 7.10 25.69 -20.62
C ARG A 533 6.00 24.63 -20.47
N ASP A 534 6.15 23.52 -21.21
CA ASP A 534 5.12 22.47 -21.25
C ASP A 534 5.01 21.77 -19.90
N VAL A 535 6.15 21.51 -19.26
CA VAL A 535 6.14 20.89 -17.94
C VAL A 535 5.37 21.77 -16.93
N ALA A 536 5.70 23.05 -16.92
CA ALA A 536 5.03 24.01 -16.05
C ALA A 536 3.55 24.17 -16.38
N LYS A 537 3.18 24.12 -17.65
CA LYS A 537 1.77 24.27 -18.07
C LYS A 537 0.91 23.09 -17.58
N VAL A 538 1.45 21.88 -17.73
CA VAL A 538 0.76 20.68 -17.26
C VAL A 538 0.52 20.75 -15.75
N LYS A 539 1.52 21.18 -14.99
CA LYS A 539 1.33 21.33 -13.53
C LYS A 539 0.22 22.34 -13.23
N GLN A 540 0.26 23.48 -13.92
CA GLN A 540 -0.73 24.53 -13.69
C GLN A 540 -2.13 24.03 -14.00
N GLU A 541 -2.30 23.33 -15.13
CA GLU A 541 -3.59 22.68 -15.49
C GLU A 541 -4.08 21.72 -14.40
N ASN A 542 -3.19 20.87 -13.90
CA ASN A 542 -3.54 19.92 -12.84
C ASN A 542 -3.96 20.64 -11.55
N LYS A 543 -3.29 21.74 -11.22
CA LYS A 543 -3.65 22.56 -10.05
C LYS A 543 -5.02 23.23 -10.16
N LEU A 544 -5.32 23.78 -11.34
CA LEU A 544 -6.65 24.37 -11.61
C LEU A 544 -7.76 23.35 -11.52
N LYS A 545 -7.55 22.19 -12.13
CA LYS A 545 -8.48 21.07 -12.09
C LYS A 545 -8.73 20.60 -10.65
N PHE A 546 -7.67 20.53 -9.84
CA PHE A 546 -7.83 20.14 -8.43
C PHE A 546 -8.50 21.22 -7.58
N ALA A 547 -8.15 22.48 -7.81
CA ALA A 547 -8.78 23.62 -7.11
C ALA A 547 -10.31 23.67 -7.37
N ALA A 548 -10.70 23.32 -8.60
CA ALA A 548 -12.11 23.26 -8.99
C ALA A 548 -12.82 22.05 -8.38
N TYR A 549 -12.10 20.92 -8.27
CA TYR A 549 -12.61 19.73 -7.58
C TYR A 549 -12.94 20.06 -6.12
N LEU A 550 -12.05 20.80 -5.45
CA LEU A 550 -12.25 21.18 -4.06
C LEU A 550 -13.46 22.08 -3.87
N GLU A 551 -13.67 23.06 -4.76
CA GLU A 551 -14.88 23.91 -4.69
C GLU A 551 -16.18 23.10 -4.87
N ARG A 552 -16.25 22.27 -5.91
CA ARG A 552 -17.49 21.53 -6.23
C ARG A 552 -17.88 20.51 -5.15
N GLU A 553 -16.97 19.59 -4.82
CA GLU A 553 -17.26 18.54 -3.83
C GLU A 553 -17.17 18.95 -2.36
N TYR A 554 -16.40 19.99 -2.02
CA TYR A 554 -16.19 20.38 -0.62
C TYR A 554 -16.31 21.87 -0.26
N LYS A 555 -16.85 22.70 -1.16
CA LYS A 555 -17.15 24.13 -0.89
C LYS A 555 -16.00 24.94 -0.21
N VAL A 556 -14.77 24.70 -0.68
CA VAL A 556 -13.59 25.41 -0.17
C VAL A 556 -12.86 26.10 -1.33
N HIS A 557 -12.41 27.33 -1.10
CA HIS A 557 -11.72 28.15 -2.12
C HIS A 557 -10.21 28.30 -1.85
N ILE A 558 -9.39 27.93 -2.85
CA ILE A 558 -7.93 28.05 -2.77
C ILE A 558 -7.33 28.83 -3.94
N ASN A 559 -6.21 29.51 -3.66
CA ASN A 559 -5.43 30.25 -4.64
C ASN A 559 -4.58 29.25 -5.47
N PRO A 560 -4.91 29.06 -6.77
CA PRO A 560 -4.13 28.10 -7.57
C PRO A 560 -2.73 28.57 -8.02
N ASN A 561 -2.37 29.83 -7.76
CA ASN A 561 -0.99 30.31 -7.95
C ASN A 561 -0.09 30.09 -6.74
N SER A 562 -0.68 29.62 -5.64
CA SER A 562 0.09 29.30 -4.42
C SER A 562 0.84 27.98 -4.60
N LEU A 563 1.88 27.81 -3.79
CA LEU A 563 2.64 26.58 -3.77
C LEU A 563 1.76 25.51 -3.07
N PHE A 564 1.53 24.39 -3.74
CA PHE A 564 0.73 23.30 -3.18
C PHE A 564 1.65 22.36 -2.40
N ASP A 565 1.57 22.45 -1.07
CA ASP A 565 2.43 21.76 -0.10
C ASP A 565 1.60 20.62 0.49
N VAL A 566 1.96 19.37 0.18
CA VAL A 566 1.05 18.23 0.35
C VAL A 566 1.69 17.14 1.18
N GLN A 567 0.99 16.71 2.22
CA GLN A 567 1.39 15.52 3.01
C GLN A 567 0.17 14.61 3.10
N VAL A 568 0.17 13.56 2.29
CA VAL A 568 -0.95 12.59 2.28
C VAL A 568 -0.38 11.18 2.50
N LYS A 569 -0.94 10.51 3.52
CA LYS A 569 -0.48 9.24 4.04
C LYS A 569 -1.29 8.98 5.31
N ARG A 570 -1.24 7.76 5.81
CA ARG A 570 -1.93 7.45 7.06
C ARG A 570 -1.39 8.32 8.21
N ILE A 571 -2.26 8.65 9.15
CA ILE A 571 -1.87 9.44 10.31
C ILE A 571 -1.19 8.50 11.30
N HIS A 572 0.06 8.78 11.63
CA HIS A 572 0.84 7.99 12.59
C HIS A 572 1.89 8.90 13.20
N GLU A 573 2.18 8.73 14.49
CA GLU A 573 3.23 9.54 15.11
C GLU A 573 4.58 9.46 14.34
N TYR A 574 4.95 8.30 13.81
CA TYR A 574 6.25 8.18 13.15
C TYR A 574 6.36 8.99 11.85
N LYS A 575 5.22 9.23 11.20
CA LYS A 575 5.18 9.97 9.93
C LYS A 575 5.26 11.51 10.15
N ARG A 576 5.05 11.94 11.38
CA ARG A 576 5.33 13.31 11.84
C ARG A 576 4.51 14.41 11.14
N GLN A 577 3.23 14.14 10.91
CA GLN A 577 2.29 15.21 10.59
C GLN A 577 2.42 16.36 11.62
N LEU A 578 2.75 16.04 12.87
CA LEU A 578 2.96 17.09 13.89
C LEU A 578 4.12 18.05 13.57
N LEU A 579 5.19 17.55 12.97
CA LEU A 579 6.29 18.43 12.56
C LEU A 579 5.80 19.43 11.50
N ASN A 580 5.01 18.95 10.54
CA ASN A 580 4.39 19.83 9.52
C ASN A 580 3.50 20.88 10.21
N CYS A 581 2.68 20.45 11.18
CA CYS A 581 1.85 21.39 11.94
C CYS A 581 2.67 22.50 12.60
N LEU A 582 3.81 22.14 13.16
CA LEU A 582 4.67 23.13 13.80
C LEU A 582 5.18 24.17 12.79
N HIS A 583 5.53 23.72 11.59
CA HIS A 583 5.96 24.63 10.52
C HIS A 583 4.83 25.58 10.10
N VAL A 584 3.63 25.03 9.94
CA VAL A 584 2.46 25.84 9.55
C VAL A 584 2.20 26.94 10.57
N ILE A 585 2.22 26.61 11.86
CA ILE A 585 2.04 27.62 12.91
C ILE A 585 3.16 28.68 12.90
N THR A 586 4.39 28.23 12.64
CA THR A 586 5.55 29.11 12.51
C THR A 586 5.31 30.16 11.41
N LEU A 587 4.85 29.71 10.25
CA LEU A 587 4.58 30.61 9.12
C LEU A 587 3.45 31.60 9.47
N TYR A 588 2.39 31.10 10.10
CA TYR A 588 1.32 31.96 10.61
C TYR A 588 1.82 33.05 11.57
N ASN A 589 2.61 32.65 12.57
CA ASN A 589 3.17 33.58 13.55
C ASN A 589 4.10 34.63 12.94
N ARG A 590 4.90 34.21 11.96
CA ARG A 590 5.76 35.11 11.20
C ARG A 590 4.97 36.15 10.38
N ILE A 591 3.88 35.72 9.75
CA ILE A 591 2.97 36.66 9.06
C ILE A 591 2.34 37.65 10.04
N LYS A 592 1.81 37.16 11.16
CA LYS A 592 1.22 38.04 12.17
C LYS A 592 2.22 39.06 12.75
N LYS A 593 3.48 38.67 12.84
CA LYS A 593 4.54 39.54 13.37
C LYS A 593 4.91 40.67 12.38
N GLU A 594 4.95 40.35 11.08
CA GLU A 594 5.29 41.30 10.01
C GLU A 594 4.28 41.14 8.86
N PRO A 595 3.07 41.66 9.05
CA PRO A 595 1.98 41.41 8.09
C PRO A 595 2.27 41.94 6.69
N ASN A 596 3.04 43.02 6.60
CA ASN A 596 3.20 43.71 5.31
C ASN A 596 4.44 43.28 4.53
N LYS A 597 5.11 42.22 4.99
CA LYS A 597 6.22 41.61 4.25
C LYS A 597 5.71 40.54 3.29
N PHE A 598 6.31 40.48 2.11
CA PHE A 598 5.99 39.44 1.14
C PHE A 598 6.44 38.06 1.66
N VAL A 599 5.59 37.07 1.45
CA VAL A 599 5.93 35.64 1.65
C VAL A 599 5.35 34.87 0.48
N VAL A 600 6.04 33.82 0.06
CA VAL A 600 5.54 32.98 -1.02
C VAL A 600 4.24 32.33 -0.54
N PRO A 601 3.11 32.57 -1.25
CA PRO A 601 1.85 31.97 -0.82
C PRO A 601 1.86 30.44 -0.87
N ARG A 602 1.27 29.80 0.15
CA ARG A 602 1.15 28.34 0.19
C ARG A 602 -0.27 27.90 0.49
N THR A 603 -0.64 26.79 -0.12
CA THR A 603 -1.78 26.00 0.31
C THR A 603 -1.21 24.72 0.87
N VAL A 604 -1.39 24.53 2.18
CA VAL A 604 -0.88 23.38 2.89
C VAL A 604 -2.03 22.39 3.01
N MET A 605 -1.83 21.20 2.43
CA MET A 605 -2.85 20.16 2.41
C MET A 605 -2.32 18.94 3.12
N ILE A 606 -3.07 18.47 4.11
CA ILE A 606 -2.73 17.29 4.87
C ILE A 606 -3.96 16.38 4.81
N GLY A 607 -3.75 15.12 4.50
CA GLY A 607 -4.84 14.15 4.54
C GLY A 607 -4.35 12.79 4.94
N GLY A 608 -5.29 11.97 5.42
CA GLY A 608 -5.02 10.62 5.83
C GLY A 608 -5.99 10.14 6.89
N LYS A 609 -6.14 8.83 6.97
CA LYS A 609 -6.99 8.20 7.97
C LYS A 609 -6.21 7.81 9.21
N ALA A 610 -6.86 7.96 10.36
CA ALA A 610 -6.38 7.42 11.62
C ALA A 610 -7.07 6.08 11.91
N ALA A 611 -6.33 5.11 12.44
CA ALA A 611 -6.97 3.90 12.97
C ALA A 611 -7.97 4.30 14.09
N PRO A 612 -9.19 3.70 14.10
CA PRO A 612 -10.21 4.15 15.07
C PRO A 612 -9.83 4.10 16.55
N GLY A 613 -8.97 3.16 16.94
CA GLY A 613 -8.54 3.10 18.36
C GLY A 613 -7.29 3.90 18.73
N TYR A 614 -6.72 4.63 17.77
CA TYR A 614 -5.44 5.28 17.97
C TYR A 614 -5.72 6.72 18.37
N HIS A 615 -5.80 6.94 19.67
CA HIS A 615 -6.24 8.21 20.23
C HIS A 615 -5.38 9.41 19.76
N MET A 616 -4.07 9.26 19.81
CA MET A 616 -3.16 10.39 19.49
C MET A 616 -3.29 10.77 18.01
N ALA A 617 -3.48 9.78 17.14
CA ALA A 617 -3.72 10.04 15.72
C ALA A 617 -5.02 10.81 15.49
N LYS A 618 -6.05 10.49 16.27
CA LYS A 618 -7.30 11.24 16.17
C LYS A 618 -7.14 12.67 16.68
N MET A 619 -6.33 12.87 17.71
CA MET A 619 -6.06 14.22 18.25
C MET A 619 -5.27 15.08 17.21
N ILE A 620 -4.39 14.44 16.47
CA ILE A 620 -3.61 15.12 15.41
C ILE A 620 -4.52 15.66 14.30
N ILE A 621 -5.50 14.86 13.89
CA ILE A 621 -6.49 15.32 12.92
C ILE A 621 -7.21 16.55 13.45
N LYS A 622 -7.69 16.48 14.69
CA LYS A 622 -8.35 17.61 15.32
C LYS A 622 -7.46 18.85 15.39
N LEU A 623 -6.17 18.68 15.70
CA LEU A 623 -5.23 19.81 15.70
C LEU A 623 -5.13 20.46 14.30
N ILE A 624 -5.03 19.64 13.25
CA ILE A 624 -4.90 20.17 11.89
C ILE A 624 -6.12 20.99 11.51
N THR A 625 -7.32 20.49 11.79
CA THR A 625 -8.53 21.25 11.46
C THR A 625 -8.65 22.52 12.33
N ALA A 626 -8.18 22.45 13.58
CA ALA A 626 -8.22 23.60 14.49
C ALA A 626 -7.28 24.73 14.04
N ILE A 627 -6.11 24.35 13.53
CA ILE A 627 -5.17 25.32 12.94
C ILE A 627 -5.81 25.99 11.72
N GLY A 628 -6.38 25.17 10.84
CA GLY A 628 -7.19 25.64 9.71
C GLY A 628 -8.27 26.63 10.07
N ASP A 629 -9.01 26.35 11.14
CA ASP A 629 -10.07 27.26 11.60
C ASP A 629 -9.54 28.65 11.94
N VAL A 630 -8.34 28.74 12.52
CA VAL A 630 -7.76 30.04 12.85
C VAL A 630 -7.12 30.70 11.62
N VAL A 631 -6.28 29.94 10.92
CA VAL A 631 -5.49 30.50 9.82
C VAL A 631 -6.38 30.97 8.65
N ASN A 632 -7.35 30.14 8.29
CA ASN A 632 -8.16 30.37 7.09
C ASN A 632 -9.14 31.52 7.26
N HIS A 633 -9.38 31.98 8.50
CA HIS A 633 -10.35 33.05 8.75
C HIS A 633 -9.71 34.33 9.30
N ASP A 634 -8.38 34.38 9.33
CA ASP A 634 -7.65 35.57 9.75
C ASP A 634 -7.51 36.54 8.55
N PRO A 635 -8.15 37.72 8.64
CA PRO A 635 -8.14 38.62 7.47
C PRO A 635 -6.74 39.15 7.11
N VAL A 636 -5.84 39.21 8.10
CA VAL A 636 -4.48 39.70 7.87
C VAL A 636 -3.66 38.72 7.02
N VAL A 637 -3.94 37.43 7.17
CA VAL A 637 -3.27 36.42 6.38
C VAL A 637 -3.69 36.49 4.92
N GLY A 638 -4.99 36.67 4.67
CA GLY A 638 -5.54 36.75 3.32
C GLY A 638 -5.41 35.43 2.61
N ASP A 639 -5.08 35.44 1.33
CA ASP A 639 -4.82 34.19 0.60
C ASP A 639 -3.32 33.82 0.58
N ARG A 640 -2.52 34.32 1.54
CA ARG A 640 -1.11 33.95 1.62
C ARG A 640 -0.85 32.58 2.27
N LEU A 641 -1.77 32.12 3.10
CA LEU A 641 -1.62 30.82 3.76
C LEU A 641 -3.01 30.21 3.95
N ARG A 642 -3.20 28.99 3.45
CA ARG A 642 -4.43 28.22 3.68
C ARG A 642 -4.03 26.83 4.16
N VAL A 643 -4.79 26.27 5.11
CA VAL A 643 -4.55 24.93 5.66
C VAL A 643 -5.82 24.11 5.46
N ILE A 644 -5.72 23.03 4.67
CA ILE A 644 -6.87 22.22 4.26
C ILE A 644 -6.62 20.78 4.69
N PHE A 645 -7.57 20.19 5.41
CA PHE A 645 -7.51 18.78 5.70
C PHE A 645 -8.31 18.04 4.62
N LEU A 646 -7.64 17.18 3.85
CA LEU A 646 -8.28 16.48 2.74
C LEU A 646 -8.96 15.22 3.29
N GLU A 647 -10.27 15.22 3.24
CA GLU A 647 -11.09 14.20 3.84
C GLU A 647 -11.08 12.92 3.00
N ASN A 648 -11.12 11.77 3.67
CA ASN A 648 -11.27 10.46 3.03
C ASN A 648 -10.16 10.13 1.99
N TYR A 649 -8.91 10.35 2.37
CA TYR A 649 -7.78 10.01 1.51
C TYR A 649 -7.78 8.52 1.21
N ARG A 650 -7.68 8.20 -0.07
CA ARG A 650 -7.83 6.85 -0.60
C ARG A 650 -7.21 6.85 -1.99
N VAL A 651 -7.17 5.70 -2.66
CA VAL A 651 -6.44 5.63 -3.95
C VAL A 651 -7.01 6.61 -4.99
N SER A 652 -8.33 6.69 -5.13
CA SER A 652 -8.91 7.60 -6.14
C SER A 652 -8.64 9.09 -5.83
N LEU A 653 -8.52 9.47 -4.55
CA LEU A 653 -8.14 10.85 -4.21
C LEU A 653 -6.65 11.09 -4.47
N ALA A 654 -5.80 10.10 -4.20
CA ALA A 654 -4.37 10.17 -4.56
C ALA A 654 -4.16 10.46 -6.04
N GLU A 655 -4.97 9.84 -6.88
CA GLU A 655 -4.87 10.06 -8.32
C GLU A 655 -5.18 11.50 -8.74
N LYS A 656 -5.95 12.22 -7.92
CA LYS A 656 -6.29 13.62 -8.19
C LYS A 656 -5.28 14.60 -7.58
N VAL A 657 -4.89 14.38 -6.34
CA VAL A 657 -4.04 15.37 -5.65
C VAL A 657 -2.55 15.27 -6.00
N ILE A 658 -2.06 14.05 -6.23
CA ILE A 658 -0.62 13.88 -6.50
C ILE A 658 -0.16 14.64 -7.77
N PRO A 659 -0.89 14.51 -8.90
CA PRO A 659 -0.54 15.35 -10.07
C PRO A 659 -0.56 16.85 -9.87
N ALA A 660 -1.30 17.33 -8.87
CA ALA A 660 -1.43 18.74 -8.57
C ALA A 660 -0.40 19.29 -7.58
N ALA A 661 0.43 18.43 -6.99
CA ALA A 661 1.32 18.86 -5.91
C ALA A 661 2.60 19.55 -6.43
N ASP A 662 3.05 20.56 -5.70
CA ASP A 662 4.37 21.15 -5.94
C ASP A 662 5.42 20.58 -4.99
N LEU A 663 5.06 20.36 -3.73
CA LEU A 663 6.01 19.96 -2.71
C LEU A 663 5.44 18.73 -2.01
N SER A 664 6.26 17.67 -1.99
CA SER A 664 5.97 16.40 -1.36
C SER A 664 6.67 16.29 0.02
N GLU A 665 5.88 16.07 1.07
CA GLU A 665 6.37 16.07 2.44
C GLU A 665 6.59 14.62 2.84
N GLN A 666 7.86 14.26 3.06
CA GLN A 666 8.25 12.89 3.38
C GLN A 666 9.20 12.93 4.56
N ILE A 667 8.63 13.11 5.76
CA ILE A 667 9.35 13.68 6.89
C ILE A 667 9.35 12.79 8.14
N SER A 668 9.28 11.49 7.92
CA SER A 668 9.40 10.51 8.98
C SER A 668 10.76 10.60 9.69
N THR A 669 10.78 10.22 10.96
CA THR A 669 12.03 10.17 11.70
C THR A 669 12.95 9.15 11.05
N ALA A 670 14.21 9.49 10.84
CA ALA A 670 15.14 8.56 10.18
C ALA A 670 15.11 7.19 10.87
N GLY A 671 14.92 6.15 10.07
CA GLY A 671 14.87 4.77 10.55
C GLY A 671 13.50 4.16 10.77
N THR A 672 12.42 4.90 10.44
CA THR A 672 11.07 4.45 10.77
C THR A 672 10.21 4.10 9.57
N GLU A 673 10.34 4.83 8.44
CA GLU A 673 9.59 4.52 7.23
C GLU A 673 10.40 3.51 6.43
N ALA A 674 9.95 2.23 6.39
CA ALA A 674 10.77 1.18 5.81
C ALA A 674 11.15 1.52 4.36
N SER A 675 10.19 2.02 3.58
CA SER A 675 10.48 2.50 2.24
C SER A 675 9.72 3.79 1.98
N GLY A 676 8.39 3.70 2.05
CA GLY A 676 7.51 4.71 1.50
C GLY A 676 7.29 4.40 0.02
N THR A 677 6.11 4.72 -0.47
CA THR A 677 5.82 4.67 -1.89
C THR A 677 5.11 5.93 -2.41
N GLY A 678 4.39 6.64 -1.54
CA GLY A 678 3.86 7.95 -1.91
C GLY A 678 4.96 8.86 -2.41
N ASN A 679 6.12 8.79 -1.75
CA ASN A 679 7.29 9.56 -2.16
C ASN A 679 7.58 9.41 -3.65
N MET A 680 7.54 8.17 -4.12
CA MET A 680 7.80 7.86 -5.54
C MET A 680 6.73 8.40 -6.48
N LYS A 681 5.47 8.31 -6.07
CA LYS A 681 4.35 8.82 -6.86
C LYS A 681 4.50 10.32 -7.11
N PHE A 682 4.88 11.08 -6.08
CA PHE A 682 5.09 12.53 -6.22
C PHE A 682 6.27 12.86 -7.12
N MET A 683 7.36 12.09 -7.02
CA MET A 683 8.54 12.30 -7.87
C MET A 683 8.23 12.14 -9.37
N LEU A 684 7.47 11.11 -9.69
CA LEU A 684 7.05 10.83 -11.07
C LEU A 684 6.13 11.91 -11.66
N ASN A 685 5.42 12.64 -10.79
CA ASN A 685 4.38 13.57 -11.21
C ASN A 685 4.75 15.06 -11.07
N GLY A 686 6.03 15.34 -10.87
CA GLY A 686 6.52 16.73 -11.02
C GLY A 686 6.46 17.58 -9.77
N ALA A 687 6.48 16.93 -8.60
CA ALA A 687 6.64 17.63 -7.33
C ALA A 687 8.09 17.48 -6.88
N LEU A 688 8.60 18.48 -6.17
CA LEU A 688 9.89 18.36 -5.49
C LEU A 688 9.63 17.82 -4.09
N THR A 689 10.65 17.20 -3.50
CA THR A 689 10.53 16.50 -2.23
C THR A 689 11.31 17.21 -1.12
N ILE A 690 10.64 17.43 0.01
CA ILE A 690 11.30 17.82 1.25
C ILE A 690 11.24 16.60 2.15
N GLY A 691 12.39 16.13 2.57
CA GLY A 691 12.40 14.90 3.34
C GLY A 691 13.66 14.58 4.11
N THR A 692 13.49 13.65 5.02
CA THR A 692 14.58 13.06 5.78
C THR A 692 15.22 11.95 4.98
N MET A 693 16.42 11.58 5.42
CA MET A 693 17.16 10.46 4.81
C MET A 693 16.63 9.17 5.42
N ASP A 694 15.42 8.82 5.00
CA ASP A 694 14.68 7.67 5.49
C ASP A 694 14.11 6.85 4.33
N GLY A 695 14.06 5.53 4.50
CA GLY A 695 13.48 4.65 3.51
C GLY A 695 14.03 4.87 2.12
N ALA A 696 13.15 4.87 1.14
CA ALA A 696 13.55 5.06 -0.23
C ALA A 696 13.92 6.51 -0.57
N ASN A 697 13.64 7.47 0.32
CA ASN A 697 14.07 8.87 0.10
C ASN A 697 15.58 8.91 -0.17
N VAL A 698 16.35 8.07 0.53
CA VAL A 698 17.81 8.00 0.33
C VAL A 698 18.20 7.69 -1.12
N GLU A 699 17.54 6.69 -1.69
CA GLU A 699 17.79 6.25 -3.05
C GLU A 699 17.26 7.22 -4.08
N MET A 700 16.11 7.86 -3.77
CA MET A 700 15.59 8.92 -4.67
C MET A 700 16.59 10.07 -4.81
N ALA A 701 17.11 10.55 -3.67
CA ALA A 701 18.13 11.60 -3.64
C ALA A 701 19.40 11.19 -4.39
N GLU A 702 19.82 9.94 -4.21
CA GLU A 702 20.96 9.39 -4.92
C GLU A 702 20.76 9.40 -6.44
N GLU A 703 19.58 9.00 -6.91
CA GLU A 703 19.27 8.97 -8.32
C GLU A 703 19.20 10.40 -8.89
N ALA A 704 18.51 11.30 -8.20
CA ALA A 704 18.29 12.65 -8.72
C ALA A 704 19.51 13.57 -8.55
N GLY A 705 20.37 13.28 -7.57
CA GLY A 705 21.37 14.20 -7.07
C GLY A 705 20.86 14.92 -5.84
N GLU A 706 21.62 14.92 -4.76
CA GLU A 706 21.26 15.62 -3.51
C GLU A 706 20.96 17.12 -3.70
N GLU A 707 21.61 17.74 -4.68
CA GLU A 707 21.33 19.13 -5.04
C GLU A 707 19.93 19.37 -5.61
N ASN A 708 19.25 18.30 -6.04
CA ASN A 708 17.89 18.38 -6.59
C ASN A 708 16.80 17.86 -5.64
N PHE A 709 17.12 17.82 -4.35
CA PHE A 709 16.27 17.30 -3.30
C PHE A 709 16.42 18.21 -2.08
N PHE A 710 15.35 18.42 -1.33
CA PHE A 710 15.41 19.22 -0.12
C PHE A 710 15.56 18.29 1.10
N ILE A 711 16.80 17.92 1.39
CA ILE A 711 17.11 16.99 2.47
C ILE A 711 17.38 17.77 3.75
N PHE A 712 16.83 17.29 4.85
CA PHE A 712 17.10 17.87 6.14
C PHE A 712 17.08 16.82 7.25
N GLY A 713 17.58 17.24 8.40
CA GLY A 713 17.35 16.51 9.64
C GLY A 713 18.34 15.43 10.00
N MET A 714 18.09 14.82 11.14
CA MET A 714 18.91 13.73 11.66
C MET A 714 18.95 12.57 10.67
N ARG A 715 20.14 12.01 10.47
CA ARG A 715 20.31 10.70 9.85
C ARG A 715 20.08 9.62 10.92
N VAL A 716 20.00 8.35 10.51
CA VAL A 716 19.81 7.23 11.45
C VAL A 716 20.85 7.24 12.59
N GLU A 717 22.09 7.52 12.22
CA GLU A 717 23.23 7.58 13.17
C GLU A 717 23.05 8.69 14.22
N ASP A 718 22.46 9.81 13.81
CA ASP A 718 22.23 10.94 14.73
C ASP A 718 21.10 10.58 15.71
N VAL A 719 20.08 9.86 15.24
CA VAL A 719 19.00 9.40 16.11
C VAL A 719 19.57 8.45 17.17
N ASP A 720 20.42 7.52 16.75
CA ASP A 720 21.12 6.60 17.67
C ASP A 720 21.95 7.33 18.71
N ARG A 721 22.68 8.37 18.31
CA ARG A 721 23.49 9.17 19.24
C ARG A 721 22.64 9.91 20.28
N LEU A 722 21.51 10.50 19.84
CA LEU A 722 20.54 11.10 20.78
C LEU A 722 19.94 10.09 21.77
N ASP A 723 19.62 8.90 21.29
CA ASP A 723 19.06 7.84 22.15
C ASP A 723 20.06 7.41 23.24
N GLN A 724 21.35 7.37 22.91
CA GLN A 724 22.39 7.01 23.89
C GLN A 724 22.56 8.06 24.97
N ARG A 725 22.58 9.33 24.59
CA ARG A 725 22.64 10.43 25.56
C ARG A 725 21.31 10.64 26.30
N GLY A 726 20.19 10.31 25.64
CA GLY A 726 18.85 10.55 26.18
C GLY A 726 18.22 11.78 25.56
N TYR A 727 17.06 11.62 24.95
CA TYR A 727 16.35 12.73 24.31
C TYR A 727 15.64 13.56 25.38
N ASN A 728 15.98 14.84 25.44
CA ASN A 728 15.35 15.77 26.33
C ASN A 728 14.73 16.90 25.51
N ALA A 729 13.41 16.84 25.31
CA ALA A 729 12.69 17.83 24.53
C ALA A 729 12.76 19.24 25.11
N GLN A 730 12.85 19.34 26.45
CA GLN A 730 12.93 20.62 27.15
C GLN A 730 14.09 21.51 26.66
N GLU A 731 15.21 20.87 26.30
CA GLU A 731 16.36 21.61 25.80
C GLU A 731 16.03 22.44 24.55
N TYR A 732 15.24 21.87 23.63
CA TYR A 732 14.87 22.53 22.39
C TYR A 732 13.89 23.66 22.69
N TYR A 733 12.90 23.38 23.54
CA TYR A 733 11.96 24.39 24.06
C TYR A 733 12.70 25.62 24.65
N ASP A 734 13.71 25.33 25.47
CA ASP A 734 14.47 26.37 26.15
C ASP A 734 15.29 27.25 25.19
N ARG A 735 15.76 26.67 24.08
CA ARG A 735 16.72 27.35 23.19
C ARG A 735 16.13 28.02 21.95
N ILE A 736 14.90 27.62 21.58
CA ILE A 736 14.29 28.09 20.33
C ILE A 736 13.02 28.87 20.68
N PRO A 737 13.10 30.22 20.70
CA PRO A 737 11.96 31.07 21.05
C PRO A 737 10.70 30.82 20.21
N GLU A 738 10.87 30.64 18.90
CA GLU A 738 9.74 30.37 18.00
C GLU A 738 9.00 29.10 18.36
N LEU A 739 9.73 28.08 18.82
CA LEU A 739 9.14 26.82 19.25
C LEU A 739 8.39 26.97 20.57
N ARG A 740 8.99 27.68 21.50
CA ARG A 740 8.36 27.99 22.77
C ARG A 740 7.03 28.74 22.60
N GLN A 741 6.98 29.69 21.68
CA GLN A 741 5.74 30.44 21.42
C GLN A 741 4.61 29.49 20.99
N ILE A 742 4.93 28.55 20.12
CA ILE A 742 3.94 27.59 19.59
C ILE A 742 3.38 26.69 20.71
N ILE A 743 4.27 26.20 21.56
CA ILE A 743 3.86 25.33 22.67
C ILE A 743 2.98 26.11 23.65
N GLU A 744 3.31 27.37 23.91
CA GLU A 744 2.46 28.23 24.74
C GLU A 744 1.08 28.47 24.12
N GLN A 745 1.05 28.68 22.80
CA GLN A 745 -0.22 28.83 22.10
C GLN A 745 -1.09 27.56 22.20
N LEU A 746 -0.50 26.40 21.99
CA LEU A 746 -1.20 25.12 22.13
C LEU A 746 -1.77 24.90 23.55
N SER A 747 -0.93 25.12 24.56
CA SER A 747 -1.28 24.93 25.99
C SER A 747 -2.35 25.85 26.49
N SER A 748 -2.29 27.11 26.08
CA SER A 748 -3.13 28.14 26.63
C SER A 748 -4.50 28.25 25.95
N GLY A 749 -4.72 27.51 24.86
CA GLY A 749 -6.02 27.46 24.21
C GLY A 749 -6.22 28.38 23.01
N PHE A 750 -5.12 28.91 22.47
CA PHE A 750 -5.17 29.79 21.30
C PHE A 750 -5.88 29.13 20.10
N PHE A 751 -5.69 27.82 19.92
CA PHE A 751 -6.33 27.06 18.83
C PHE A 751 -7.59 26.29 19.26
N SER A 752 -8.07 26.53 20.48
CA SER A 752 -9.27 25.86 20.99
C SER A 752 -9.91 26.74 22.08
N PRO A 753 -10.35 27.96 21.70
CA PRO A 753 -10.74 28.92 22.75
C PRO A 753 -11.90 28.45 23.64
N LYS A 754 -12.81 27.65 23.11
CA LYS A 754 -13.93 27.10 23.90
C LYS A 754 -13.48 25.99 24.85
N GLN A 755 -12.42 25.25 24.49
CA GLN A 755 -11.89 24.14 25.29
C GLN A 755 -10.38 24.32 25.46
N PRO A 756 -9.95 25.23 26.36
CA PRO A 756 -8.51 25.61 26.49
C PRO A 756 -7.50 24.48 26.65
N ASP A 757 -7.90 23.39 27.33
CA ASP A 757 -7.00 22.25 27.57
C ASP A 757 -7.14 21.10 26.53
N LEU A 758 -7.81 21.36 25.42
CA LEU A 758 -8.09 20.32 24.43
C LEU A 758 -6.82 19.58 23.96
N PHE A 759 -5.73 20.31 23.79
CA PHE A 759 -4.50 19.74 23.22
C PHE A 759 -3.43 19.39 24.25
N LYS A 760 -3.82 19.26 25.53
CA LYS A 760 -2.82 18.96 26.58
C LYS A 760 -2.12 17.63 26.38
N ASP A 761 -2.81 16.62 25.87
CA ASP A 761 -2.19 15.31 25.62
C ASP A 761 -1.06 15.44 24.57
N ILE A 762 -1.28 16.28 23.57
CA ILE A 762 -0.29 16.49 22.50
C ILE A 762 0.95 17.19 23.06
N VAL A 763 0.73 18.27 23.81
CA VAL A 763 1.82 19.02 24.46
C VAL A 763 2.61 18.12 25.40
N ASN A 764 1.90 17.35 26.23
CA ASN A 764 2.57 16.45 27.18
C ASN A 764 3.41 15.39 26.46
N MET A 765 2.88 14.82 25.37
CA MET A 765 3.64 13.86 24.58
C MET A 765 4.90 14.51 23.98
N LEU A 766 4.74 15.66 23.34
CA LEU A 766 5.91 16.35 22.73
C LEU A 766 7.01 16.69 23.74
N MET A 767 6.60 17.16 24.92
CA MET A 767 7.52 17.60 25.95
C MET A 767 8.17 16.46 26.75
N HIS A 768 7.48 15.34 26.94
CA HIS A 768 7.96 14.27 27.85
C HIS A 768 8.04 12.87 27.32
N HIS A 769 7.31 12.51 26.27
CA HIS A 769 7.22 11.10 25.84
C HIS A 769 7.25 10.95 24.32
N ASP A 770 8.09 11.71 23.65
CA ASP A 770 8.07 11.71 22.18
C ASP A 770 9.13 10.71 21.66
N ARG A 771 8.66 9.57 21.20
CA ARG A 771 9.53 8.55 20.61
C ARG A 771 10.12 8.96 19.27
N PHE A 772 9.52 9.96 18.61
CA PHE A 772 9.90 10.30 17.24
C PHE A 772 10.60 11.66 17.07
N LYS A 773 10.93 12.29 18.20
CA LYS A 773 11.91 13.39 18.26
C LYS A 773 11.53 14.58 17.35
N VAL A 774 10.27 14.98 17.42
CA VAL A 774 9.75 16.08 16.58
C VAL A 774 10.56 17.36 16.77
N PHE A 775 10.82 17.76 18.02
CA PHE A 775 11.56 18.99 18.26
C PHE A 775 13.01 18.94 17.74
N ALA A 776 13.64 17.77 17.74
CA ALA A 776 15.04 17.65 17.30
C ALA A 776 15.28 18.00 15.82
N ASP A 777 14.24 17.86 14.98
CA ASP A 777 14.35 18.21 13.55
C ASP A 777 13.65 19.53 13.18
N TYR A 778 13.14 20.26 14.17
CA TYR A 778 12.32 21.46 13.94
C TYR A 778 13.13 22.57 13.26
N GLU A 779 14.27 22.92 13.85
CA GLU A 779 15.09 23.99 13.28
C GLU A 779 15.53 23.75 11.83
N GLU A 780 16.07 22.57 11.55
CA GLU A 780 16.54 22.25 10.18
C GLU A 780 15.40 22.19 9.19
N TYR A 781 14.23 21.72 9.64
CA TYR A 781 13.05 21.65 8.79
C TYR A 781 12.58 23.04 8.36
N VAL A 782 12.45 23.95 9.32
CA VAL A 782 12.05 25.33 9.02
C VAL A 782 13.04 26.03 8.08
N LYS A 783 14.33 25.88 8.34
CA LYS A 783 15.36 26.45 7.45
C LYS A 783 15.28 25.86 6.05
N CYS A 784 15.10 24.55 5.96
CA CYS A 784 14.96 23.89 4.67
C CYS A 784 13.69 24.36 3.88
N GLN A 785 12.58 24.50 4.59
CA GLN A 785 11.34 25.10 4.04
C GLN A 785 11.55 26.52 3.48
N GLU A 786 12.42 27.32 4.12
CA GLU A 786 12.77 28.63 3.59
C GLU A 786 13.48 28.52 2.23
N ARG A 787 14.35 27.52 2.07
CA ARG A 787 15.01 27.28 0.79
C ARG A 787 14.01 26.86 -0.32
N VAL A 788 12.97 26.11 0.05
CA VAL A 788 11.92 25.71 -0.90
C VAL A 788 11.22 26.96 -1.43
N SER A 789 10.85 27.84 -0.50
CA SER A 789 10.19 29.09 -0.84
C SER A 789 11.03 29.96 -1.77
N ALA A 790 12.32 30.07 -1.48
CA ALA A 790 13.24 30.82 -2.31
C ALA A 790 13.27 30.30 -3.74
N LEU A 791 13.33 28.97 -3.92
CA LEU A 791 13.36 28.40 -5.26
C LEU A 791 12.04 28.57 -6.01
N TYR A 792 10.92 28.53 -5.27
CA TYR A 792 9.60 28.66 -5.90
C TYR A 792 9.38 30.02 -6.56
N LYS A 793 10.02 31.07 -6.02
CA LYS A 793 10.05 32.41 -6.63
C LYS A 793 10.74 32.51 -7.98
N ASN A 794 11.56 31.52 -8.34
CA ASN A 794 12.19 31.45 -9.65
C ASN A 794 11.60 30.27 -10.46
N PRO A 795 10.43 30.48 -11.11
CA PRO A 795 9.71 29.36 -11.77
C PRO A 795 10.54 28.56 -12.77
N ARG A 796 11.40 29.24 -13.53
CA ARG A 796 12.25 28.54 -14.51
C ARG A 796 13.17 27.52 -13.79
N GLU A 797 13.81 27.94 -12.70
CA GLU A 797 14.73 27.05 -11.99
C GLU A 797 14.02 25.97 -11.18
N TRP A 798 12.86 26.29 -10.63
CA TRP A 798 12.00 25.29 -10.02
C TRP A 798 11.70 24.19 -11.07
N THR A 799 11.24 24.60 -12.25
CA THR A 799 10.85 23.65 -13.29
C THR A 799 12.03 22.83 -13.81
N ARG A 800 13.22 23.43 -13.88
CA ARG A 800 14.42 22.67 -14.27
C ARG A 800 14.74 21.60 -13.25
N MET A 801 14.64 21.93 -11.98
CA MET A 801 14.84 20.93 -10.92
C MET A 801 13.80 19.80 -10.99
N VAL A 802 12.54 20.14 -11.26
CA VAL A 802 11.48 19.15 -11.48
C VAL A 802 11.86 18.19 -12.60
N ILE A 803 12.34 18.72 -13.72
CA ILE A 803 12.71 17.87 -14.85
C ILE A 803 13.79 16.87 -14.43
N ARG A 804 14.76 17.33 -13.65
CA ARG A 804 15.85 16.47 -13.17
CA ARG A 804 15.85 16.47 -13.15
C ARG A 804 15.33 15.36 -12.27
N ASN A 805 14.20 15.60 -11.58
CA ASN A 805 13.56 14.57 -10.73
C ASN A 805 12.75 13.57 -11.57
N ILE A 806 11.90 14.07 -12.48
CA ILE A 806 11.10 13.19 -13.32
C ILE A 806 12.03 12.27 -14.12
N ALA A 807 13.07 12.85 -14.69
CA ALA A 807 14.03 12.14 -15.55
C ALA A 807 14.80 10.99 -14.87
N THR A 808 14.96 11.06 -13.54
CA THR A 808 15.72 10.05 -12.78
C THR A 808 14.80 9.18 -11.92
N SER A 809 13.50 9.19 -12.20
CA SER A 809 12.55 8.42 -11.41
C SER A 809 12.42 6.95 -11.88
N GLY A 810 13.07 6.61 -13.01
CA GLY A 810 12.96 5.30 -13.61
C GLY A 810 13.21 4.10 -12.72
N LYS A 811 14.18 4.22 -11.80
CA LYS A 811 14.49 3.14 -10.84
C LYS A 811 13.25 2.69 -10.03
N PHE A 812 12.32 3.62 -9.81
CA PHE A 812 11.20 3.40 -8.90
C PHE A 812 9.97 2.82 -9.56
N SER A 813 10.13 2.30 -10.78
CA SER A 813 9.12 1.47 -11.40
C SER A 813 9.05 0.12 -10.70
N SER A 814 7.82 -0.31 -10.37
CA SER A 814 7.62 -1.64 -9.82
C SER A 814 7.98 -2.74 -10.83
N ASP A 815 8.09 -2.41 -12.13
CA ASP A 815 8.60 -3.36 -13.11
C ASP A 815 10.05 -3.74 -12.82
N ARG A 816 10.85 -2.77 -12.36
CA ARG A 816 12.22 -3.03 -11.95
C ARG A 816 12.24 -3.91 -10.69
N THR A 817 11.44 -3.55 -9.70
CA THR A 817 11.31 -4.32 -8.47
C THR A 817 10.97 -5.79 -8.76
N ILE A 818 9.93 -6.01 -9.54
CA ILE A 818 9.44 -7.36 -9.85
C ILE A 818 10.46 -8.16 -10.65
N ALA A 819 11.14 -7.53 -11.60
CA ALA A 819 12.22 -8.24 -12.31
C ALA A 819 13.30 -8.74 -11.35
N GLN A 820 13.59 -7.97 -10.28
CA GLN A 820 14.57 -8.41 -9.30
C GLN A 820 14.07 -9.56 -8.44
N TYR A 821 12.83 -9.48 -7.93
CA TYR A 821 12.25 -10.62 -7.23
C TYR A 821 12.29 -11.88 -8.12
N ALA A 822 11.92 -11.71 -9.39
CA ALA A 822 11.85 -12.84 -10.32
C ALA A 822 13.19 -13.54 -10.50
N ARG A 823 14.25 -12.77 -10.75
CA ARG A 823 15.56 -13.34 -11.02
C ARG A 823 16.29 -13.81 -9.76
N GLU A 824 16.16 -13.06 -8.68
CA GLU A 824 16.99 -13.24 -7.47
C GLU A 824 16.31 -14.08 -6.37
N ILE A 825 14.98 -14.18 -6.40
CA ILE A 825 14.23 -14.96 -5.39
C ILE A 825 13.43 -16.12 -6.00
N TRP A 826 12.61 -15.85 -6.99
CA TRP A 826 11.66 -16.84 -7.53
C TRP A 826 12.29 -17.78 -8.56
N GLY A 827 13.39 -17.38 -9.18
CA GLY A 827 14.06 -18.19 -10.18
C GLY A 827 13.30 -18.31 -11.50
N VAL A 828 12.71 -17.21 -11.96
CA VAL A 828 11.96 -17.17 -13.24
C VAL A 828 12.38 -15.94 -14.03
N GLU A 829 12.28 -16.03 -15.35
CA GLU A 829 12.72 -14.97 -16.23
C GLU A 829 11.51 -14.14 -16.68
N PRO A 830 11.55 -12.81 -16.47
CA PRO A 830 10.47 -11.97 -17.02
C PRO A 830 10.44 -11.97 -18.57
N SER A 831 9.30 -11.61 -19.14
CA SER A 831 9.16 -11.53 -20.60
C SER A 831 8.29 -10.33 -20.98
N ARG A 832 8.72 -9.56 -21.96
CA ARG A 832 7.90 -8.46 -22.51
C ARG A 832 7.14 -8.88 -23.79
N GLN A 833 7.24 -10.15 -24.18
CA GLN A 833 6.56 -10.62 -25.39
C GLN A 833 5.03 -10.70 -25.21
N ARG A 834 4.32 -10.41 -26.29
CA ARG A 834 2.88 -10.34 -26.32
C ARG A 834 2.32 -11.72 -26.61
N LEU A 835 1.28 -12.12 -25.87
CA LEU A 835 0.45 -13.26 -26.28
C LEU A 835 -0.41 -12.79 -27.47
N PRO A 836 -0.84 -13.74 -28.33
CA PRO A 836 -1.72 -13.36 -29.47
C PRO A 836 -3.12 -12.91 -29.03
N ALA A 837 -3.70 -11.99 -29.79
CA ALA A 837 -4.98 -11.33 -29.44
C ALA A 837 -6.18 -12.14 -29.92
N1 PLP B . -2.39 5.38 0.88
C2 PLP B . -2.78 5.51 -0.39
C2A PLP B . -4.23 5.65 -0.75
C3 PLP B . -1.77 5.44 -1.45
O3 PLP B . -2.08 5.54 -2.77
C4 PLP B . -0.34 5.31 -1.05
C4A PLP B . 0.76 5.25 -2.05
C5 PLP B . -0.05 5.16 0.39
C6 PLP B . -1.11 5.23 1.28
C5A PLP B . 1.37 5.06 0.88
O4P PLP B . 1.89 6.40 1.03
P PLP B . 3.19 6.62 1.98
O1P PLP B . 3.37 8.12 1.89
O2P PLP B . 2.79 6.16 3.35
O3P PLP B . 4.29 5.81 1.35
O5' CJW C . 4.76 -1.06 3.87
C5' CJW C . 5.10 -0.26 2.71
C4' CJW C . 6.31 0.63 3.03
C3' CJW C . 6.06 1.47 4.26
C2' CJW C . 5.61 0.58 5.44
C1' CJW C . 4.42 -0.26 5.01
C1 CJW C . 3.98 -1.19 6.11
O2' CJW C . 5.24 1.38 6.58
O3' CJW C . 7.26 2.16 4.60
O4' CJW C . 6.55 1.50 1.91
C6' CJW C . 5.35 -1.22 1.58
O6' CJW C . 6.59 -1.91 1.69
N5 CJW C . 2.70 -1.41 6.52
C4 CJW C . 2.75 -2.34 7.51
N3 CJW C . 4.01 -2.66 7.74
N2 CJW C . 4.79 -1.94 6.85
C6 CJW C . 1.60 -2.86 8.25
C11 CJW C . 0.31 -2.71 7.74
C10 CJW C . -0.77 -3.18 8.43
C9 CJW C . -0.62 -3.87 9.65
C8 CJW C . 0.70 -4.04 10.17
C7 CJW C . 1.79 -3.52 9.43
C15 CJW C . -1.71 -4.40 10.40
C14 CJW C . -1.50 -5.07 11.60
C13 CJW C . -0.17 -5.23 12.07
C12 CJW C . 0.88 -4.71 11.40
C16 CJW C . -2.66 -5.64 12.38
O18 CJW C . -3.82 -5.28 12.10
O17 CJW C . -2.39 -6.43 13.31
#